data_1ZI7
#
_entry.id   1ZI7
#
_cell.length_a   93.903
_cell.length_b   100.853
_cell.length_c   117.624
_cell.angle_alpha   90.00
_cell.angle_beta   91.53
_cell.angle_gamma   90.00
#
_symmetry.space_group_name_H-M   'P 1 21 1'
#
loop_
_entity.id
_entity.type
_entity.pdbx_description
1 polymer 'KES1 protein'
2 non-polymer 'SULFATE ION'
3 water water
#
_entity_poly.entity_id   1
_entity_poly.type   'polypeptide(L)'
_entity_poly.pdbx_seq_one_letter_code
;GAMDPPFILSPISLTEFSQYWAEHPELFLEPSFINDDNYKEHCLIDPEVESPELARMLAVTKWFISTLKSQYCSRNESLG
SEKKPLNPFLGELFVGKWENKEHPEFGETVLLSEQVSHHPPVTAFSIFNDKNKVKLQGYNQIKASFTKSLMLTVKQFGHT
MLDIKDESYLVTPPPLHIEGILVASPFVELEGKSYIQSSTGLLCVIEFSGVDGKKNSFKARIYKDSKDSKDKEKALYTIS
GQWSGSSKIIKANKKEESRLFYDAARIPAEHLNVKPLEEQHPLESRKAWYDVAGAIKLGDFNLIAKTKTELEETQRELRK
EEEAKGISWQRRWFKDFDYSVTPEEGALVPEKDDTFLKLASALNLSTKNAPSGTLVGDKEDRKEDLSSIHWRFQRELWDE
EKEIVL
;
_entity_poly.pdbx_strand_id   A,B,C
#
loop_
_chem_comp.id
_chem_comp.type
_chem_comp.name
_chem_comp.formula
SO4 non-polymer 'SULFATE ION' 'O4 S -2'
#
# COMPACT_ATOMS: atom_id res chain seq x y z
N PRO A 5 -7.61 19.46 0.81
CA PRO A 5 -7.87 20.86 0.38
C PRO A 5 -8.32 21.76 1.55
N PRO A 6 -7.39 22.60 2.06
CA PRO A 6 -7.63 23.53 3.17
C PRO A 6 -8.12 24.91 2.73
N PHE A 7 -8.30 25.81 3.70
CA PHE A 7 -8.77 27.18 3.45
C PHE A 7 -10.08 27.23 2.67
N ILE A 8 -10.57 28.44 2.44
CA ILE A 8 -11.79 28.63 1.66
C ILE A 8 -11.39 29.00 0.23
N LEU A 9 -11.70 28.12 -0.72
CA LEU A 9 -11.39 28.34 -2.13
C LEU A 9 -11.92 29.69 -2.60
N SER A 10 -11.07 30.48 -3.26
CA SER A 10 -11.49 31.79 -3.76
C SER A 10 -11.19 31.99 -5.24
N PRO A 11 -12.14 31.61 -6.11
CA PRO A 11 -11.83 31.82 -7.53
C PRO A 11 -11.86 33.30 -7.88
N ILE A 12 -10.79 33.78 -8.51
CA ILE A 12 -10.63 35.18 -8.89
C ILE A 12 -10.02 35.28 -10.28
N SER A 13 -10.59 36.12 -11.14
CA SER A 13 -10.07 36.28 -12.49
C SER A 13 -8.69 36.94 -12.49
N LEU A 14 -7.79 36.44 -13.32
CA LEU A 14 -6.44 37.02 -13.40
C LEU A 14 -6.46 38.51 -13.73
N THR A 15 -7.57 39.00 -14.27
CA THR A 15 -7.68 40.42 -14.59
C THR A 15 -7.62 41.24 -13.31
N GLU A 16 -7.96 40.62 -12.18
CA GLU A 16 -7.93 41.32 -10.90
C GLU A 16 -6.53 41.45 -10.32
N PHE A 17 -5.61 40.59 -10.74
CA PHE A 17 -4.25 40.65 -10.22
C PHE A 17 -3.57 42.00 -10.50
N SER A 18 -4.15 42.78 -11.41
CA SER A 18 -3.63 44.09 -11.75
C SER A 18 -3.66 45.01 -10.53
N GLN A 19 -4.64 44.82 -9.66
CA GLN A 19 -4.76 45.67 -8.49
C GLN A 19 -3.58 45.56 -7.52
N TYR A 20 -2.82 44.46 -7.57
CA TYR A 20 -1.71 44.29 -6.66
C TYR A 20 -0.55 45.22 -6.95
N TRP A 21 -0.64 46.02 -8.01
CA TRP A 21 0.44 46.94 -8.32
C TRP A 21 0.30 48.20 -7.48
N ALA A 22 -0.82 48.34 -6.78
CA ALA A 22 -1.05 49.52 -5.97
C ALA A 22 -1.82 49.21 -4.68
N GLU A 23 -1.74 47.96 -4.23
CA GLU A 23 -2.44 47.53 -3.02
C GLU A 23 -2.13 48.41 -1.80
N HIS A 24 -0.94 49.01 -1.77
CA HIS A 24 -0.57 49.90 -0.69
C HIS A 24 -0.61 51.37 -1.18
N PRO A 25 -1.80 51.98 -1.15
CA PRO A 25 -2.04 53.37 -1.58
C PRO A 25 -0.91 54.35 -1.24
N GLU A 26 -0.48 54.35 0.01
CA GLU A 26 0.57 55.26 0.44
C GLU A 26 1.92 55.00 -0.26
N LEU A 27 2.28 53.73 -0.48
CA LEU A 27 3.55 53.44 -1.12
C LEU A 27 3.53 53.84 -2.60
N PHE A 28 2.39 53.63 -3.24
CA PHE A 28 2.23 53.98 -4.66
C PHE A 28 2.43 55.47 -4.91
N LEU A 29 1.91 56.30 -4.02
CA LEU A 29 2.00 57.74 -4.18
C LEU A 29 3.17 58.47 -3.53
N GLU A 30 3.85 57.83 -2.58
CA GLU A 30 4.96 58.47 -1.89
C GLU A 30 5.96 59.24 -2.78
N PRO A 31 6.45 58.63 -3.86
CA PRO A 31 7.42 59.31 -4.75
C PRO A 31 7.02 60.72 -5.19
N SER A 32 5.71 60.94 -5.38
CA SER A 32 5.21 62.24 -5.83
C SER A 32 5.20 63.34 -4.76
N PHE A 33 5.43 62.94 -3.52
CA PHE A 33 5.45 63.91 -2.42
C PHE A 33 6.88 64.26 -2.05
N ILE A 34 7.82 63.82 -2.87
CA ILE A 34 9.23 64.06 -2.60
C ILE A 34 9.86 65.07 -3.55
N ASN A 35 10.12 66.28 -3.05
CA ASN A 35 10.74 67.33 -3.87
C ASN A 35 12.09 67.77 -3.29
N ASP A 36 12.72 68.74 -3.95
CA ASP A 36 14.02 69.24 -3.52
C ASP A 36 14.00 69.86 -2.12
N ASP A 37 12.84 70.29 -1.67
CA ASP A 37 12.73 70.95 -0.36
C ASP A 37 12.32 70.09 0.82
N ASN A 38 12.08 68.79 0.62
CA ASN A 38 11.69 67.94 1.74
C ASN A 38 12.20 66.51 1.64
N TYR A 39 12.94 66.23 0.58
CA TYR A 39 13.42 64.87 0.35
C TYR A 39 14.15 64.19 1.50
N LYS A 40 14.88 64.96 2.31
CA LYS A 40 15.61 64.36 3.43
C LYS A 40 14.68 63.90 4.54
N GLU A 41 13.49 64.51 4.62
CA GLU A 41 12.51 64.15 5.62
C GLU A 41 11.73 62.93 5.14
N HIS A 42 11.54 62.85 3.82
CA HIS A 42 10.82 61.74 3.21
C HIS A 42 11.74 60.57 2.87
N CYS A 43 12.53 60.12 3.83
CA CYS A 43 13.43 59.00 3.60
C CYS A 43 13.87 58.40 4.92
N LEU A 44 12.92 57.75 5.60
CA LEU A 44 13.17 57.12 6.88
C LEU A 44 14.48 56.35 6.94
N ILE A 45 14.64 55.39 6.02
CA ILE A 45 15.83 54.54 6.00
C ILE A 45 17.17 55.21 5.73
N ASP A 46 17.18 56.52 5.56
CA ASP A 46 18.40 57.29 5.35
C ASP A 46 18.14 58.79 5.30
N PRO A 47 18.15 59.45 6.47
CA PRO A 47 17.92 60.89 6.60
C PRO A 47 18.98 61.71 5.88
N GLU A 48 20.04 61.03 5.44
CA GLU A 48 21.12 61.69 4.73
C GLU A 48 21.24 61.19 3.31
N VAL A 49 20.11 61.08 2.62
CA VAL A 49 20.11 60.62 1.23
C VAL A 49 20.63 61.77 0.36
N GLU A 50 21.64 61.46 -0.45
CA GLU A 50 22.28 62.43 -1.33
C GLU A 50 21.36 63.39 -2.09
N SER A 51 20.40 62.86 -2.85
CA SER A 51 19.51 63.72 -3.63
C SER A 51 18.06 63.27 -3.64
N PRO A 52 17.16 64.15 -4.11
CA PRO A 52 15.73 63.81 -4.17
C PRO A 52 15.45 62.69 -5.16
N GLU A 53 16.25 62.63 -6.24
CA GLU A 53 16.11 61.58 -7.25
C GLU A 53 16.38 60.24 -6.58
N LEU A 54 17.30 60.23 -5.64
CA LEU A 54 17.67 59.01 -4.93
C LEU A 54 16.62 58.62 -3.91
N ALA A 55 16.01 59.60 -3.26
CA ALA A 55 14.98 59.31 -2.28
C ALA A 55 13.76 58.75 -3.01
N ARG A 56 13.51 59.26 -4.22
CA ARG A 56 12.37 58.76 -4.98
C ARG A 56 12.64 57.34 -5.47
N MET A 57 13.89 57.05 -5.84
CA MET A 57 14.23 55.71 -6.31
C MET A 57 14.07 54.68 -5.19
N LEU A 58 14.32 55.08 -3.94
CA LEU A 58 14.17 54.17 -2.81
C LEU A 58 12.67 53.96 -2.58
N ALA A 59 11.90 55.04 -2.64
CA ALA A 59 10.46 54.95 -2.46
C ALA A 59 9.85 54.05 -3.55
N VAL A 60 10.38 54.13 -4.76
CA VAL A 60 9.88 53.32 -5.86
C VAL A 60 10.26 51.86 -5.64
N THR A 61 11.48 51.63 -5.17
CA THR A 61 11.93 50.29 -4.92
C THR A 61 11.08 49.64 -3.82
N LYS A 62 10.73 50.42 -2.80
CA LYS A 62 9.93 49.90 -1.70
C LYS A 62 8.54 49.54 -2.22
N TRP A 63 7.97 50.44 -3.02
CA TRP A 63 6.66 50.21 -3.60
C TRP A 63 6.65 48.93 -4.43
N PHE A 64 7.69 48.75 -5.23
CA PHE A 64 7.79 47.55 -6.07
C PHE A 64 7.81 46.26 -5.25
N ILE A 65 8.63 46.23 -4.21
CA ILE A 65 8.71 45.05 -3.37
C ILE A 65 7.35 44.76 -2.73
N SER A 66 6.63 45.82 -2.36
CA SER A 66 5.33 45.65 -1.71
C SER A 66 4.26 44.99 -2.61
N THR A 67 4.47 45.01 -3.91
CA THR A 67 3.51 44.41 -4.84
C THR A 67 3.69 42.92 -4.96
N LEU A 68 4.88 42.42 -4.64
CA LEU A 68 5.19 41.01 -4.78
C LEU A 68 4.36 39.97 -4.01
N LYS A 69 4.24 40.12 -2.71
CA LYS A 69 3.49 39.14 -1.91
C LYS A 69 2.11 38.77 -2.47
N SER A 70 1.28 39.77 -2.74
CA SER A 70 -0.06 39.51 -3.26
C SER A 70 -0.06 38.91 -4.66
N GLN A 71 0.98 39.16 -5.43
CA GLN A 71 1.08 38.62 -6.78
C GLN A 71 1.38 37.12 -6.73
N TYR A 72 2.32 36.73 -5.87
CA TYR A 72 2.76 35.35 -5.82
C TYR A 72 2.39 34.44 -4.64
N CYS A 73 1.62 34.94 -3.69
CA CYS A 73 1.20 34.10 -2.56
C CYS A 73 -0.31 33.92 -2.67
N SER A 74 -0.74 32.69 -2.95
CA SER A 74 -2.17 32.42 -3.11
C SER A 74 -2.90 32.19 -1.79
N ARG A 75 -2.18 31.75 -0.77
CA ARG A 75 -2.78 31.51 0.53
C ARG A 75 -2.60 32.67 1.47
N ASN A 76 -3.59 32.91 2.32
CA ASN A 76 -3.53 33.99 3.28
C ASN A 76 -4.26 33.55 4.54
N GLU A 77 -3.50 33.17 5.56
CA GLU A 77 -4.05 32.70 6.82
C GLU A 77 -4.86 33.70 7.64
N SER A 78 -4.55 34.99 7.51
CA SER A 78 -5.28 36.01 8.25
C SER A 78 -6.63 36.29 7.57
N LEU A 79 -6.93 35.52 6.53
CA LEU A 79 -8.19 35.67 5.81
C LEU A 79 -8.80 34.29 5.60
N GLY A 80 -7.96 33.26 5.71
CA GLY A 80 -8.42 31.90 5.53
C GLY A 80 -8.82 31.59 4.10
N SER A 81 -8.18 32.24 3.13
CA SER A 81 -8.52 31.98 1.73
C SER A 81 -7.35 31.49 0.88
N GLU A 82 -7.67 30.72 -0.15
CA GLU A 82 -6.68 30.18 -1.08
C GLU A 82 -7.15 30.62 -2.49
N LYS A 83 -6.39 31.49 -3.13
CA LYS A 83 -6.76 31.99 -4.46
C LYS A 83 -6.65 30.98 -5.59
N LYS A 84 -7.70 30.95 -6.41
CA LYS A 84 -7.80 30.07 -7.56
C LYS A 84 -7.95 30.98 -8.78
N PRO A 85 -6.86 31.21 -9.51
CA PRO A 85 -6.86 32.07 -10.71
C PRO A 85 -7.71 31.56 -11.87
N LEU A 86 -8.47 32.45 -12.48
CA LEU A 86 -9.30 32.09 -13.62
C LEU A 86 -8.73 32.76 -14.88
N ASN A 87 -8.64 31.98 -15.96
CA ASN A 87 -8.13 32.46 -17.24
C ASN A 87 -9.17 33.38 -17.88
N PRO A 88 -8.88 34.69 -17.90
CA PRO A 88 -9.78 35.71 -18.47
C PRO A 88 -10.19 35.51 -19.92
N PHE A 89 -11.40 35.93 -20.26
CA PHE A 89 -11.87 35.83 -21.63
C PHE A 89 -11.59 37.17 -22.31
N LEU A 90 -11.44 37.13 -23.63
CA LEU A 90 -11.15 38.34 -24.40
C LEU A 90 -12.18 39.44 -24.17
N GLY A 91 -11.70 40.64 -23.89
CA GLY A 91 -12.59 41.77 -23.67
C GLY A 91 -13.05 41.93 -22.24
N GLU A 92 -12.65 41.01 -21.36
CA GLU A 92 -13.01 41.10 -19.95
C GLU A 92 -12.43 42.36 -19.33
N LEU A 93 -13.18 42.97 -18.42
CA LEU A 93 -12.74 44.19 -17.76
C LEU A 93 -12.89 44.08 -16.27
N PHE A 94 -12.09 44.85 -15.55
CA PHE A 94 -12.14 44.90 -14.10
C PHE A 94 -11.72 46.32 -13.76
N VAL A 95 -12.62 47.05 -13.10
CA VAL A 95 -12.34 48.44 -12.75
C VAL A 95 -12.70 48.71 -11.31
N GLY A 96 -11.97 49.63 -10.70
CA GLY A 96 -12.23 49.97 -9.31
C GLY A 96 -11.42 51.19 -8.93
N LYS A 97 -11.44 51.54 -7.66
CA LYS A 97 -10.69 52.71 -7.23
C LYS A 97 -10.42 52.72 -5.75
N TRP A 98 -9.30 53.32 -5.38
CA TRP A 98 -8.94 53.47 -3.98
C TRP A 98 -9.36 54.91 -3.75
N GLU A 99 -10.37 55.11 -2.90
CA GLU A 99 -10.87 56.45 -2.64
C GLU A 99 -9.97 57.29 -1.74
N ASN A 100 -9.19 56.62 -0.90
CA ASN A 100 -8.28 57.31 0.01
C ASN A 100 -8.91 58.52 0.70
N LYS A 101 -10.12 58.35 1.20
CA LYS A 101 -10.82 59.44 1.89
C LYS A 101 -10.16 59.77 3.22
N GLU A 102 -9.48 58.78 3.80
CA GLU A 102 -8.81 58.96 5.09
C GLU A 102 -7.56 59.83 4.93
N HIS A 103 -7.25 60.17 3.69
CA HIS A 103 -6.08 60.99 3.37
C HIS A 103 -6.45 61.85 2.15
N PRO A 104 -7.08 63.00 2.39
CA PRO A 104 -7.52 63.94 1.36
C PRO A 104 -6.43 64.40 0.40
N GLU A 105 -5.19 64.39 0.85
CA GLU A 105 -4.05 64.81 0.03
C GLU A 105 -3.70 63.79 -1.05
N PHE A 106 -4.16 62.56 -0.88
CA PHE A 106 -3.88 61.49 -1.85
C PHE A 106 -4.77 61.60 -3.07
N GLY A 107 -6.07 61.65 -2.83
CA GLY A 107 -6.99 61.73 -3.94
C GLY A 107 -7.42 60.35 -4.39
N GLU A 108 -8.25 60.32 -5.43
CA GLU A 108 -8.77 59.07 -5.96
C GLU A 108 -7.79 58.41 -6.92
N THR A 109 -7.52 57.13 -6.70
CA THR A 109 -6.63 56.37 -7.57
C THR A 109 -7.50 55.32 -8.30
N VAL A 110 -7.51 55.42 -9.62
CA VAL A 110 -8.30 54.53 -10.48
C VAL A 110 -7.53 53.34 -11.06
N LEU A 111 -8.22 52.19 -11.15
CA LEU A 111 -7.66 50.97 -11.72
C LEU A 111 -8.51 50.48 -12.90
N LEU A 112 -7.86 50.30 -14.04
CA LEU A 112 -8.52 49.79 -15.24
C LEU A 112 -7.68 48.60 -15.66
N SER A 113 -8.35 47.46 -15.84
CA SER A 113 -7.67 46.25 -16.22
C SER A 113 -8.48 45.62 -17.35
N GLU A 114 -7.79 45.07 -18.34
CA GLU A 114 -8.47 44.49 -19.48
C GLU A 114 -7.68 43.34 -20.09
N GLN A 115 -8.41 42.30 -20.48
CA GLN A 115 -7.78 41.14 -21.12
C GLN A 115 -7.72 41.47 -22.61
N VAL A 116 -6.53 41.84 -23.08
CA VAL A 116 -6.33 42.22 -24.46
C VAL A 116 -6.06 41.06 -25.42
N SER A 117 -5.85 39.87 -24.87
CA SER A 117 -5.61 38.69 -25.71
C SER A 117 -5.96 37.41 -24.99
N HIS A 118 -6.55 36.47 -25.70
CA HIS A 118 -6.91 35.20 -25.09
C HIS A 118 -5.93 34.14 -25.57
N HIS A 119 -5.51 34.25 -26.83
CA HIS A 119 -4.55 33.31 -27.41
C HIS A 119 -3.39 34.12 -28.00
N PRO A 120 -2.32 34.34 -27.22
CA PRO A 120 -2.17 33.88 -25.84
C PRO A 120 -2.79 34.88 -24.83
N PRO A 121 -2.91 34.47 -23.56
CA PRO A 121 -3.48 35.29 -22.49
C PRO A 121 -2.62 36.51 -22.15
N VAL A 122 -3.20 37.70 -22.28
CA VAL A 122 -2.50 38.93 -21.98
C VAL A 122 -3.41 39.91 -21.26
N THR A 123 -2.94 40.38 -20.11
CA THR A 123 -3.71 41.32 -19.32
C THR A 123 -2.99 42.67 -19.36
N ALA A 124 -3.76 43.72 -19.65
CA ALA A 124 -3.19 45.08 -19.70
C ALA A 124 -3.89 45.86 -18.60
N PHE A 125 -3.16 46.79 -17.98
CA PHE A 125 -3.75 47.54 -16.89
C PHE A 125 -3.18 48.95 -16.78
N SER A 126 -3.89 49.79 -16.05
CA SER A 126 -3.44 51.15 -15.83
C SER A 126 -4.00 51.62 -14.49
N ILE A 127 -3.10 52.15 -13.67
CA ILE A 127 -3.47 52.67 -12.36
C ILE A 127 -3.02 54.13 -12.36
N PHE A 128 -3.96 55.05 -12.20
CA PHE A 128 -3.59 56.45 -12.22
C PHE A 128 -4.27 57.31 -11.17
N ASN A 129 -3.48 58.26 -10.65
CA ASN A 129 -3.93 59.21 -9.64
C ASN A 129 -3.75 60.60 -10.23
N ASP A 130 -4.84 61.20 -10.71
CA ASP A 130 -4.81 62.52 -11.33
C ASP A 130 -4.29 63.64 -10.43
N LYS A 131 -4.74 63.67 -9.19
CA LYS A 131 -4.33 64.73 -8.26
C LYS A 131 -2.82 64.89 -8.06
N ASN A 132 -2.11 63.78 -7.94
CA ASN A 132 -0.68 63.86 -7.71
C ASN A 132 0.16 63.54 -8.93
N LYS A 133 -0.50 63.44 -10.08
CA LYS A 133 0.18 63.14 -11.33
C LYS A 133 1.01 61.85 -11.28
N VAL A 134 0.42 60.79 -10.75
CA VAL A 134 1.09 59.49 -10.68
C VAL A 134 0.31 58.51 -11.54
N LYS A 135 0.97 57.93 -12.53
CA LYS A 135 0.28 56.99 -13.39
C LYS A 135 1.15 55.82 -13.79
N LEU A 136 0.54 54.65 -13.79
CA LEU A 136 1.21 53.43 -14.12
C LEU A 136 0.40 52.72 -15.20
N GLN A 137 1.08 51.94 -16.01
CA GLN A 137 0.42 51.18 -17.07
C GLN A 137 1.35 50.02 -17.40
N GLY A 138 0.80 48.90 -17.82
CA GLY A 138 1.64 47.78 -18.16
C GLY A 138 0.78 46.67 -18.68
N TYR A 139 1.41 45.54 -18.97
CA TYR A 139 0.68 44.37 -19.46
C TYR A 139 1.46 43.16 -19.00
N ASN A 140 0.78 42.03 -18.87
CA ASN A 140 1.40 40.81 -18.37
C ASN A 140 1.07 39.59 -19.22
N GLN A 141 2.00 38.65 -19.29
CA GLN A 141 1.83 37.42 -20.06
C GLN A 141 2.79 36.34 -19.57
N ILE A 142 2.32 35.11 -19.42
CA ILE A 142 3.19 34.04 -18.96
C ILE A 142 3.17 32.79 -19.85
N LYS A 143 4.24 32.00 -19.75
CA LYS A 143 4.40 30.74 -20.48
C LYS A 143 4.92 29.72 -19.49
N ALA A 144 4.12 28.68 -19.24
CA ALA A 144 4.48 27.64 -18.29
C ALA A 144 4.91 26.36 -18.97
N SER A 145 5.73 25.57 -18.29
CA SER A 145 6.22 24.31 -18.83
C SER A 145 7.07 23.61 -17.77
N PHE A 146 7.18 22.28 -17.87
CA PHE A 146 7.97 21.52 -16.91
C PHE A 146 9.41 21.34 -17.37
N THR A 147 10.30 21.23 -16.40
CA THR A 147 11.74 21.03 -16.64
C THR A 147 12.09 19.65 -16.11
N LYS A 148 13.34 19.23 -16.29
CA LYS A 148 13.76 17.94 -15.80
C LYS A 148 13.61 17.92 -14.28
N SER A 149 12.37 17.69 -13.84
CA SER A 149 11.97 17.63 -12.45
C SER A 149 10.56 18.23 -12.35
N LEU A 150 9.86 17.97 -11.26
CA LEU A 150 8.50 18.49 -11.05
C LEU A 150 8.51 19.98 -11.39
N MET A 151 9.71 20.56 -11.35
CA MET A 151 9.94 21.97 -11.63
C MET A 151 8.71 22.79 -11.99
N LEU A 152 8.34 22.81 -13.27
CA LEU A 152 7.21 23.61 -13.73
C LEU A 152 7.63 25.07 -13.61
N THR A 153 8.23 25.56 -14.68
CA THR A 153 8.72 26.92 -14.76
C THR A 153 7.77 27.83 -15.51
N VAL A 154 7.60 29.04 -15.01
CA VAL A 154 6.71 30.00 -15.66
C VAL A 154 7.51 31.23 -16.05
N LYS A 155 7.62 31.46 -17.35
CA LYS A 155 8.35 32.61 -17.87
C LYS A 155 7.44 33.81 -17.93
N GLN A 156 7.94 34.95 -17.45
CA GLN A 156 7.18 36.19 -17.48
C GLN A 156 7.54 37.02 -18.70
N PHE A 157 6.55 37.67 -19.31
CA PHE A 157 6.76 38.55 -20.45
C PHE A 157 6.06 39.85 -20.11
N GLY A 158 6.52 40.95 -20.70
CA GLY A 158 5.88 42.22 -20.43
C GLY A 158 6.71 43.09 -19.52
N HIS A 159 6.22 44.30 -19.28
CA HIS A 159 6.91 45.25 -18.42
C HIS A 159 5.87 46.26 -18.02
N THR A 160 6.23 47.15 -17.10
CA THR A 160 5.31 48.17 -16.61
C THR A 160 6.03 49.50 -16.54
N MET A 161 5.30 50.60 -16.74
CA MET A 161 5.93 51.91 -16.66
C MET A 161 5.27 52.84 -15.66
N LEU A 162 6.11 53.45 -14.82
CA LEU A 162 5.63 54.34 -13.79
C LEU A 162 6.07 55.78 -14.03
N ASP A 163 5.10 56.69 -13.98
CA ASP A 163 5.35 58.11 -14.18
C ASP A 163 4.95 58.89 -12.92
N ILE A 164 5.96 59.48 -12.29
CA ILE A 164 5.76 60.31 -11.10
C ILE A 164 5.96 61.71 -11.64
N LYS A 165 4.87 62.39 -11.94
CA LYS A 165 4.96 63.72 -12.51
C LYS A 165 5.80 63.62 -13.79
N ASP A 166 6.91 64.34 -13.85
CA ASP A 166 7.74 64.31 -15.06
C ASP A 166 8.84 63.25 -15.01
N GLU A 167 8.87 62.48 -13.93
CA GLU A 167 9.89 61.45 -13.79
C GLU A 167 9.37 60.09 -14.20
N SER A 168 10.19 59.35 -14.95
CA SER A 168 9.78 58.04 -15.44
C SER A 168 10.59 56.86 -14.94
N TYR A 169 9.90 55.73 -14.81
CA TYR A 169 10.51 54.49 -14.35
C TYR A 169 10.02 53.31 -15.19
N LEU A 170 10.96 52.49 -15.64
CA LEU A 170 10.63 51.31 -16.40
C LEU A 170 10.85 50.10 -15.47
N VAL A 171 9.76 49.40 -15.14
CA VAL A 171 9.84 48.25 -14.25
C VAL A 171 9.60 46.93 -14.98
N THR A 172 10.50 45.97 -14.83
CA THR A 172 10.33 44.68 -15.46
C THR A 172 10.09 43.63 -14.36
N PRO A 173 8.95 42.91 -14.43
CA PRO A 173 8.57 41.89 -13.45
C PRO A 173 9.55 40.71 -13.37
N PRO A 174 9.42 39.87 -12.32
CA PRO A 174 10.30 38.72 -12.15
C PRO A 174 10.25 37.82 -13.38
N PRO A 175 11.39 37.62 -14.05
CA PRO A 175 11.42 36.79 -15.26
C PRO A 175 10.91 35.36 -15.10
N LEU A 176 11.12 34.78 -13.92
CA LEU A 176 10.69 33.40 -13.66
C LEU A 176 10.15 33.09 -12.29
N HIS A 177 9.21 32.16 -12.25
CA HIS A 177 8.73 31.66 -10.96
C HIS A 177 8.50 30.17 -11.06
N ILE A 178 8.91 29.45 -10.03
CA ILE A 178 8.77 28.01 -9.98
C ILE A 178 7.56 27.63 -9.13
N GLU A 179 6.70 26.76 -9.66
CA GLU A 179 5.50 26.33 -8.96
C GLU A 179 5.59 24.85 -8.55
N GLY A 180 4.69 24.43 -7.66
CA GLY A 180 4.65 23.05 -7.19
C GLY A 180 5.94 22.57 -6.56
N ILE A 181 6.45 23.37 -5.61
CA ILE A 181 7.68 23.06 -4.92
C ILE A 181 7.44 22.32 -3.61
N LEU A 182 6.56 22.87 -2.78
CA LEU A 182 6.25 22.27 -1.48
C LEU A 182 5.05 21.34 -1.49
N VAL A 183 5.14 20.28 -0.69
CA VAL A 183 4.06 19.30 -0.61
C VAL A 183 2.74 19.94 -0.15
N ALA A 184 1.65 19.52 -0.80
CA ALA A 184 0.30 19.99 -0.48
C ALA A 184 0.10 21.50 -0.45
N SER A 185 0.85 22.23 -1.28
CA SER A 185 0.68 23.69 -1.31
C SER A 185 1.06 24.30 -2.65
N PRO A 186 0.43 25.44 -3.00
CA PRO A 186 0.70 26.13 -4.27
C PRO A 186 1.85 27.15 -4.15
N PHE A 187 2.68 26.98 -3.13
CA PHE A 187 3.84 27.84 -2.89
C PHE A 187 4.60 28.12 -4.19
N VAL A 188 5.06 29.36 -4.35
CA VAL A 188 5.80 29.77 -5.55
C VAL A 188 7.11 30.48 -5.19
N GLU A 189 8.12 30.29 -6.04
CA GLU A 189 9.42 30.93 -5.84
C GLU A 189 9.77 31.80 -7.05
N LEU A 190 10.55 32.86 -6.84
CA LEU A 190 10.94 33.75 -7.94
C LEU A 190 12.40 33.56 -8.27
N GLU A 191 12.78 33.84 -9.52
CA GLU A 191 14.16 33.69 -9.95
C GLU A 191 14.47 34.67 -11.07
N GLY A 192 15.73 35.10 -11.13
CA GLY A 192 16.13 36.02 -12.18
C GLY A 192 16.19 37.46 -11.68
N LYS A 193 16.44 38.38 -12.60
CA LYS A 193 16.54 39.78 -12.26
C LYS A 193 15.40 40.65 -12.75
N SER A 194 15.03 41.60 -11.92
CA SER A 194 14.00 42.57 -12.24
C SER A 194 14.74 43.89 -12.20
N TYR A 195 14.26 44.86 -12.97
CA TYR A 195 14.94 46.14 -13.03
C TYR A 195 13.99 47.30 -12.86
N ILE A 196 14.52 48.38 -12.29
CA ILE A 196 13.79 49.62 -12.15
C ILE A 196 14.75 50.67 -12.72
N GLN A 197 14.50 51.06 -13.97
CA GLN A 197 15.32 52.06 -14.64
C GLN A 197 14.59 53.39 -14.67
N SER A 198 15.19 54.40 -14.05
CA SER A 198 14.59 55.72 -13.99
C SER A 198 15.12 56.64 -15.10
N SER A 199 14.33 57.64 -15.42
CA SER A 199 14.70 58.61 -16.43
C SER A 199 15.79 59.51 -15.83
N THR A 200 16.03 59.35 -14.53
CA THR A 200 17.05 60.12 -13.82
C THR A 200 18.39 59.41 -13.91
N GLY A 201 18.43 58.26 -14.58
CA GLY A 201 19.66 57.51 -14.72
C GLY A 201 19.80 56.41 -13.69
N LEU A 202 19.29 56.63 -12.48
CA LEU A 202 19.37 55.63 -11.43
C LEU A 202 18.76 54.29 -11.87
N LEU A 203 19.41 53.19 -11.47
CA LEU A 203 18.96 51.85 -11.81
C LEU A 203 18.98 50.91 -10.62
N CYS A 204 17.87 50.20 -10.42
CA CYS A 204 17.81 49.25 -9.33
C CYS A 204 17.75 47.85 -9.92
N VAL A 205 18.59 46.96 -9.43
CA VAL A 205 18.62 45.58 -9.90
C VAL A 205 18.16 44.71 -8.74
N ILE A 206 17.08 43.95 -8.94
CA ILE A 206 16.57 43.07 -7.90
C ILE A 206 16.76 41.61 -8.32
N GLU A 207 17.62 40.89 -7.60
CA GLU A 207 17.88 39.49 -7.90
C GLU A 207 17.15 38.54 -6.97
N PHE A 208 16.39 37.61 -7.55
CA PHE A 208 15.66 36.65 -6.74
C PHE A 208 16.43 35.35 -6.56
N SER A 209 16.37 34.83 -5.34
CA SER A 209 17.08 33.61 -4.93
C SER A 209 16.81 32.34 -5.74
N GLY A 210 15.61 32.20 -6.28
CA GLY A 210 15.31 30.97 -7.00
C GLY A 210 15.11 29.92 -5.93
N VAL A 211 15.25 28.64 -6.27
CA VAL A 211 15.06 27.57 -5.29
C VAL A 211 16.21 27.48 -4.28
N ASP A 212 17.20 28.35 -4.42
CA ASP A 212 18.33 28.37 -3.51
C ASP A 212 18.20 29.45 -2.46
N GLY A 213 19.23 29.63 -1.66
CA GLY A 213 19.19 30.64 -0.62
C GLY A 213 17.90 30.59 0.18
N LYS A 214 17.65 31.65 0.94
CA LYS A 214 16.46 31.77 1.77
C LYS A 214 15.18 31.56 0.93
N LYS A 215 14.06 31.33 1.63
CA LYS A 215 12.78 31.14 0.97
C LYS A 215 12.24 32.50 0.55
N ASN A 216 11.88 32.63 -0.73
CA ASN A 216 11.37 33.91 -1.24
C ASN A 216 12.31 35.08 -0.94
N SER A 217 13.62 34.88 -1.08
CA SER A 217 14.53 35.95 -0.79
C SER A 217 15.00 36.70 -2.03
N PHE A 218 15.49 37.91 -1.81
CA PHE A 218 15.97 38.74 -2.91
C PHE A 218 17.11 39.61 -2.44
N LYS A 219 17.81 40.18 -3.40
CA LYS A 219 18.95 41.04 -3.15
C LYS A 219 18.83 42.21 -4.12
N ALA A 220 18.49 43.39 -3.59
CA ALA A 220 18.34 44.57 -4.44
C ALA A 220 19.52 45.53 -4.29
N ARG A 221 19.99 46.04 -5.42
CA ARG A 221 21.09 46.99 -5.46
C ARG A 221 20.78 48.20 -6.31
N ILE A 222 20.98 49.39 -5.75
CA ILE A 222 20.72 50.62 -6.51
C ILE A 222 22.06 51.17 -7.01
N TYR A 223 22.14 51.44 -8.32
CA TYR A 223 23.37 51.98 -8.91
C TYR A 223 23.12 53.38 -9.44
N LYS A 224 24.20 54.15 -9.60
CA LYS A 224 24.08 55.52 -10.09
C LYS A 224 23.66 55.55 -11.56
N ASP A 225 24.08 54.52 -12.30
CA ASP A 225 23.73 54.40 -13.72
C ASP A 225 23.91 52.95 -14.16
N SER A 226 23.39 52.65 -15.34
CA SER A 226 23.46 51.30 -15.91
C SER A 226 24.87 50.71 -15.99
N LYS A 227 25.85 51.53 -16.35
CA LYS A 227 27.24 51.06 -16.44
C LYS A 227 27.73 50.48 -15.12
N ASP A 228 27.45 51.18 -14.02
CA ASP A 228 27.85 50.77 -12.69
C ASP A 228 27.26 49.42 -12.27
N SER A 229 26.07 49.11 -12.77
CA SER A 229 25.40 47.85 -12.43
C SER A 229 26.22 46.63 -12.80
N LYS A 230 27.33 46.84 -13.51
CA LYS A 230 28.18 45.73 -13.91
C LYS A 230 29.07 45.27 -12.76
N ASP A 231 29.23 46.13 -11.75
CA ASP A 231 30.05 45.79 -10.59
C ASP A 231 29.27 46.01 -9.30
N LYS A 232 28.96 44.91 -8.61
CA LYS A 232 28.19 44.96 -7.35
C LYS A 232 28.75 45.86 -6.26
N GLU A 233 30.05 46.10 -6.30
CA GLU A 233 30.70 46.93 -5.28
C GLU A 233 30.32 48.41 -5.40
N LYS A 234 29.92 48.83 -6.59
CA LYS A 234 29.55 50.22 -6.82
C LYS A 234 28.13 50.54 -6.41
N ALA A 235 27.46 49.61 -5.74
CA ALA A 235 26.08 49.82 -5.30
C ALA A 235 25.96 50.88 -4.22
N LEU A 236 25.04 51.82 -4.42
CA LEU A 236 24.81 52.90 -3.45
C LEU A 236 24.12 52.34 -2.21
N TYR A 237 23.21 51.39 -2.43
CA TYR A 237 22.49 50.75 -1.34
C TYR A 237 22.32 49.29 -1.69
N THR A 238 22.14 48.47 -0.67
CA THR A 238 21.93 47.06 -0.87
C THR A 238 20.81 46.61 0.06
N ILE A 239 19.75 46.07 -0.53
CA ILE A 239 18.61 45.60 0.23
C ILE A 239 18.53 44.08 0.07
N SER A 240 18.30 43.37 1.17
CA SER A 240 18.19 41.92 1.09
C SER A 240 17.22 41.42 2.14
N GLY A 241 16.60 40.27 1.85
CA GLY A 241 15.65 39.70 2.78
C GLY A 241 14.55 38.95 2.03
N GLN A 242 13.37 38.88 2.64
CA GLN A 242 12.26 38.18 2.04
C GLN A 242 11.23 39.15 1.48
N TRP A 243 10.84 38.95 0.23
CA TRP A 243 9.85 39.85 -0.36
C TRP A 243 8.46 39.46 0.13
N SER A 244 8.36 38.33 0.82
CA SER A 244 7.09 37.87 1.38
C SER A 244 7.14 38.11 2.88
N GLY A 245 8.30 38.56 3.36
CA GLY A 245 8.47 38.83 4.77
C GLY A 245 9.10 40.18 5.01
N SER A 246 10.30 40.19 5.58
CA SER A 246 10.96 41.46 5.85
C SER A 246 12.34 41.52 5.23
N SER A 247 12.86 42.72 5.09
CA SER A 247 14.18 42.92 4.51
C SER A 247 14.87 44.11 5.13
N LYS A 248 16.19 44.16 5.00
CA LYS A 248 16.93 45.27 5.55
C LYS A 248 17.75 45.96 4.48
N ILE A 249 18.11 47.21 4.73
CA ILE A 249 18.89 47.99 3.79
C ILE A 249 20.20 48.45 4.43
N ILE A 250 21.24 48.52 3.62
CA ILE A 250 22.57 48.94 4.05
C ILE A 250 23.13 49.94 3.04
N LYS A 251 23.46 51.14 3.50
CA LYS A 251 24.03 52.15 2.62
C LYS A 251 25.50 51.79 2.42
N ALA A 252 26.03 52.08 1.24
CA ALA A 252 27.43 51.76 0.95
C ALA A 252 27.75 50.38 1.52
N ASN A 253 28.82 50.29 2.32
CA ASN A 253 29.21 49.03 2.93
C ASN A 253 29.03 49.05 4.45
N LYS A 254 28.43 50.14 4.96
CA LYS A 254 28.19 50.30 6.39
C LYS A 254 27.18 49.27 6.92
N LYS A 255 27.64 48.02 7.06
CA LYS A 255 26.79 46.94 7.55
C LYS A 255 26.40 47.20 9.00
N GLU A 256 27.15 48.08 9.65
CA GLU A 256 26.92 48.45 11.05
C GLU A 256 25.68 49.30 11.24
N GLU A 257 25.07 49.74 10.14
CA GLU A 257 23.89 50.57 10.21
C GLU A 257 22.71 50.01 9.41
N SER A 258 22.49 48.71 9.48
CA SER A 258 21.39 48.10 8.74
C SER A 258 20.06 48.59 9.30
N ARG A 259 19.11 48.90 8.42
CA ARG A 259 17.79 49.37 8.85
C ARG A 259 16.70 48.50 8.24
N LEU A 260 15.57 48.42 8.93
CA LEU A 260 14.49 47.61 8.42
C LEU A 260 13.92 48.35 7.22
N PHE A 261 14.03 47.72 6.05
CA PHE A 261 13.52 48.35 4.84
C PHE A 261 12.03 48.14 4.65
N TYR A 262 11.61 46.89 4.59
CA TYR A 262 10.20 46.61 4.38
C TYR A 262 9.73 45.32 5.04
N ASP A 263 8.51 45.36 5.59
CA ASP A 263 7.92 44.20 6.24
C ASP A 263 6.57 43.94 5.56
N ALA A 264 6.49 42.85 4.81
CA ALA A 264 5.28 42.48 4.08
C ALA A 264 4.06 42.22 4.97
N ALA A 265 4.30 41.93 6.25
CA ALA A 265 3.21 41.67 7.19
C ALA A 265 2.21 42.83 7.24
N ARG A 266 2.71 44.06 7.11
CA ARG A 266 1.88 45.26 7.15
C ARG A 266 0.65 45.16 6.24
N ILE A 267 -0.52 45.18 6.85
CA ILE A 267 -1.76 45.09 6.10
C ILE A 267 -2.27 46.48 5.75
N PRO A 268 -2.57 46.72 4.46
CA PRO A 268 -3.06 48.02 3.99
C PRO A 268 -4.42 48.40 4.59
N ALA A 269 -4.55 49.66 4.96
CA ALA A 269 -5.79 50.17 5.55
C ALA A 269 -6.85 50.42 4.47
N GLU A 270 -6.41 50.99 3.35
CA GLU A 270 -7.31 51.27 2.23
C GLU A 270 -7.54 50.05 1.34
N HIS A 271 -8.80 49.80 1.00
CA HIS A 271 -9.18 48.68 0.16
C HIS A 271 -9.68 49.19 -1.19
N LEU A 272 -9.56 48.38 -2.22
CA LEU A 272 -10.02 48.76 -3.55
C LEU A 272 -11.54 48.79 -3.53
N ASN A 273 -12.11 49.91 -3.95
CA ASN A 273 -13.56 50.05 -3.99
C ASN A 273 -14.06 49.56 -5.34
N VAL A 274 -14.88 48.52 -5.30
CA VAL A 274 -15.46 47.95 -6.51
C VAL A 274 -16.97 47.96 -6.30
N LYS A 275 -17.71 48.37 -7.31
CA LYS A 275 -19.15 48.40 -7.18
C LYS A 275 -19.72 46.98 -7.11
N PRO A 276 -20.91 46.83 -6.51
CA PRO A 276 -21.57 45.53 -6.37
C PRO A 276 -22.01 44.94 -7.70
N LEU A 277 -22.28 43.64 -7.71
CA LEU A 277 -22.71 42.98 -8.93
C LEU A 277 -23.89 43.69 -9.61
N GLU A 278 -24.85 44.14 -8.80
CA GLU A 278 -26.05 44.81 -9.30
C GLU A 278 -25.76 45.95 -10.27
N GLU A 279 -24.73 46.74 -9.99
CA GLU A 279 -24.41 47.85 -10.88
C GLU A 279 -23.17 47.62 -11.73
N GLN A 280 -22.91 46.35 -12.05
CA GLN A 280 -21.76 45.98 -12.87
C GLN A 280 -22.19 45.59 -14.27
N HIS A 281 -21.42 46.05 -15.26
CA HIS A 281 -21.67 45.73 -16.66
C HIS A 281 -21.30 44.25 -16.81
N PRO A 282 -22.00 43.50 -17.67
CA PRO A 282 -21.69 42.08 -17.85
C PRO A 282 -20.30 41.71 -18.40
N LEU A 283 -19.49 42.72 -18.72
CA LEU A 283 -18.13 42.49 -19.20
C LEU A 283 -17.16 42.46 -18.01
N GLU A 284 -17.59 43.02 -16.89
CA GLU A 284 -16.78 43.07 -15.68
C GLU A 284 -16.61 41.68 -15.08
N SER A 285 -15.37 41.40 -14.66
CA SER A 285 -14.97 40.12 -14.10
C SER A 285 -15.85 39.44 -13.07
N ARG A 286 -16.00 40.06 -11.90
CA ARG A 286 -16.79 39.45 -10.85
C ARG A 286 -18.18 39.05 -11.29
N LYS A 287 -18.81 39.89 -12.11
CA LYS A 287 -20.14 39.58 -12.59
C LYS A 287 -20.17 38.48 -13.63
N ALA A 288 -19.18 38.46 -14.52
CA ALA A 288 -19.13 37.45 -15.56
C ALA A 288 -18.77 36.06 -15.07
N TRP A 289 -17.90 35.96 -14.06
CA TRP A 289 -17.49 34.67 -13.52
C TRP A 289 -18.23 34.23 -12.28
N TYR A 290 -19.18 35.02 -11.81
CA TYR A 290 -19.91 34.68 -10.59
C TYR A 290 -20.41 33.23 -10.49
N ASP A 291 -21.21 32.79 -11.46
CA ASP A 291 -21.72 31.42 -11.42
C ASP A 291 -20.58 30.40 -11.47
N VAL A 292 -19.68 30.56 -12.43
CA VAL A 292 -18.55 29.65 -12.57
C VAL A 292 -17.78 29.56 -11.26
N ALA A 293 -17.54 30.71 -10.61
CA ALA A 293 -16.81 30.75 -9.35
C ALA A 293 -17.57 29.95 -8.29
N GLY A 294 -18.89 30.01 -8.35
CA GLY A 294 -19.71 29.29 -7.40
C GLY A 294 -19.57 27.80 -7.65
N ALA A 295 -19.73 27.41 -8.91
CA ALA A 295 -19.61 26.01 -9.28
C ALA A 295 -18.24 25.47 -8.86
N ILE A 296 -17.19 26.26 -9.05
CA ILE A 296 -15.85 25.82 -8.70
C ILE A 296 -15.70 25.60 -7.19
N LYS A 297 -16.46 26.35 -6.39
CA LYS A 297 -16.37 26.15 -4.95
C LYS A 297 -17.15 24.90 -4.59
N LEU A 298 -18.17 24.60 -5.38
CA LEU A 298 -18.98 23.41 -5.17
C LEU A 298 -18.12 22.19 -5.48
N GLY A 299 -17.25 22.33 -6.46
CA GLY A 299 -16.37 21.23 -6.83
C GLY A 299 -16.92 20.32 -7.90
N ASP A 300 -18.18 20.51 -8.28
CA ASP A 300 -18.81 19.68 -9.29
C ASP A 300 -18.38 20.10 -10.69
N PHE A 301 -17.62 19.26 -11.37
CA PHE A 301 -17.13 19.63 -12.70
C PHE A 301 -18.21 19.64 -13.78
N ASN A 302 -19.36 19.05 -13.48
CA ASN A 302 -20.47 19.05 -14.43
C ASN A 302 -21.16 20.41 -14.39
N LEU A 303 -21.21 21.00 -13.20
CA LEU A 303 -21.81 22.32 -13.01
C LEU A 303 -20.82 23.36 -13.56
N ILE A 304 -19.52 23.07 -13.42
CA ILE A 304 -18.48 23.95 -13.92
C ILE A 304 -18.52 24.03 -15.44
N ALA A 305 -18.68 22.88 -16.08
CA ALA A 305 -18.76 22.83 -17.53
C ALA A 305 -19.99 23.61 -18.00
N LYS A 306 -21.10 23.40 -17.32
CA LYS A 306 -22.35 24.07 -17.65
C LYS A 306 -22.24 25.59 -17.51
N THR A 307 -21.72 26.06 -16.37
CA THR A 307 -21.57 27.50 -16.13
C THR A 307 -20.57 28.11 -17.09
N LYS A 308 -19.56 27.33 -17.45
CA LYS A 308 -18.55 27.79 -18.38
C LYS A 308 -19.18 27.99 -19.77
N THR A 309 -19.92 26.99 -20.24
CA THR A 309 -20.57 27.10 -21.55
C THR A 309 -21.50 28.29 -21.57
N GLU A 310 -22.15 28.55 -20.44
CA GLU A 310 -23.05 29.68 -20.33
C GLU A 310 -22.30 31.00 -20.38
N LEU A 311 -21.12 31.06 -19.76
CA LEU A 311 -20.34 32.30 -19.79
C LEU A 311 -19.95 32.56 -21.23
N GLU A 312 -19.55 31.49 -21.93
CA GLU A 312 -19.16 31.60 -23.31
C GLU A 312 -20.30 32.13 -24.17
N GLU A 313 -21.47 31.50 -24.05
CA GLU A 313 -22.63 31.94 -24.82
C GLU A 313 -23.03 33.37 -24.48
N THR A 314 -23.01 33.70 -23.20
CA THR A 314 -23.35 35.04 -22.75
C THR A 314 -22.43 36.05 -23.41
N GLN A 315 -21.13 35.78 -23.30
CA GLN A 315 -20.10 36.65 -23.83
C GLN A 315 -20.18 36.79 -25.35
N ARG A 316 -20.54 35.70 -26.01
CA ARG A 316 -20.66 35.68 -27.47
C ARG A 316 -21.74 36.66 -27.92
N GLU A 317 -22.87 36.64 -27.22
CA GLU A 317 -23.98 37.53 -27.53
C GLU A 317 -23.64 38.98 -27.16
N LEU A 318 -22.95 39.13 -26.03
CA LEU A 318 -22.56 40.44 -25.52
C LEU A 318 -21.66 41.16 -26.53
N ARG A 319 -20.74 40.41 -27.11
CA ARG A 319 -19.83 40.97 -28.10
C ARG A 319 -20.62 41.53 -29.28
N LYS A 320 -21.61 40.75 -29.75
CA LYS A 320 -22.45 41.17 -30.86
C LYS A 320 -23.14 42.50 -30.56
N GLU A 321 -23.63 42.64 -29.33
CA GLU A 321 -24.30 43.86 -28.93
C GLU A 321 -23.32 45.01 -28.86
N GLU A 322 -22.12 44.73 -28.36
CA GLU A 322 -21.08 45.74 -28.24
C GLU A 322 -20.76 46.32 -29.60
N GLU A 323 -20.59 45.45 -30.59
CA GLU A 323 -20.30 45.88 -31.94
C GLU A 323 -21.47 46.70 -32.48
N ALA A 324 -22.69 46.21 -32.22
CA ALA A 324 -23.90 46.89 -32.68
C ALA A 324 -23.95 48.33 -32.20
N LYS A 325 -23.25 48.63 -31.11
CA LYS A 325 -23.23 49.98 -30.58
C LYS A 325 -21.96 50.72 -31.02
N GLY A 326 -21.21 50.07 -31.90
CA GLY A 326 -19.98 50.67 -32.39
C GLY A 326 -18.91 50.78 -31.33
N ILE A 327 -18.86 49.81 -30.41
CA ILE A 327 -17.85 49.83 -29.35
C ILE A 327 -16.76 48.82 -29.63
N SER A 328 -15.51 49.28 -29.71
CA SER A 328 -14.39 48.39 -29.96
C SER A 328 -14.01 47.68 -28.66
N TRP A 329 -14.82 46.68 -28.29
CA TRP A 329 -14.61 45.92 -27.06
C TRP A 329 -13.31 45.11 -27.01
N GLN A 330 -12.78 44.76 -28.17
CA GLN A 330 -11.55 43.98 -28.23
C GLN A 330 -10.30 44.76 -27.81
N ARG A 331 -10.32 46.08 -28.02
CA ARG A 331 -9.22 46.95 -27.65
C ARG A 331 -9.85 48.21 -27.09
N ARG A 332 -10.63 48.05 -26.04
CA ARG A 332 -11.34 49.19 -25.47
C ARG A 332 -10.49 50.34 -24.94
N TRP A 333 -9.54 50.05 -24.05
CA TRP A 333 -8.72 51.12 -23.48
C TRP A 333 -7.24 50.98 -23.75
N PHE A 334 -6.85 49.89 -24.41
CA PHE A 334 -5.44 49.65 -24.72
C PHE A 334 -5.27 49.26 -26.17
N LYS A 335 -4.20 49.73 -26.78
CA LYS A 335 -3.91 49.43 -28.17
C LYS A 335 -2.54 48.77 -28.26
N ASP A 336 -2.39 47.83 -29.19
CA ASP A 336 -1.12 47.16 -29.36
C ASP A 336 -0.20 47.86 -30.37
N PHE A 337 0.91 48.37 -29.87
CA PHE A 337 1.89 49.06 -30.69
C PHE A 337 3.05 48.18 -31.14
N ASP A 338 3.47 48.36 -32.39
CA ASP A 338 4.57 47.60 -32.95
C ASP A 338 5.86 48.40 -32.79
N TYR A 339 6.81 47.86 -32.03
CA TYR A 339 8.08 48.53 -31.78
C TYR A 339 9.23 47.92 -32.57
N SER A 340 8.92 47.15 -33.62
CA SER A 340 9.99 46.53 -34.40
C SER A 340 10.65 47.52 -35.35
N VAL A 341 11.87 47.19 -35.76
CA VAL A 341 12.65 48.03 -36.67
C VAL A 341 11.85 48.36 -37.93
N THR A 342 11.21 47.34 -38.51
CA THR A 342 10.40 47.53 -39.70
C THR A 342 8.99 46.94 -39.51
N PRO A 343 8.06 47.74 -38.99
CA PRO A 343 6.67 47.33 -38.74
C PRO A 343 5.83 47.08 -39.98
N GLU A 344 4.69 46.40 -39.78
CA GLU A 344 3.76 46.09 -40.86
C GLU A 344 2.98 47.35 -41.18
N GLU A 345 2.35 47.37 -42.34
CA GLU A 345 1.61 48.55 -42.78
C GLU A 345 0.66 49.19 -41.76
N GLY A 346 -0.54 48.64 -41.61
CA GLY A 346 -1.48 49.25 -40.68
C GLY A 346 -1.15 49.35 -39.19
N ALA A 347 -0.03 48.76 -38.78
CA ALA A 347 0.38 48.75 -37.37
C ALA A 347 0.52 50.09 -36.67
N LEU A 348 0.08 50.14 -35.42
CA LEU A 348 0.21 51.35 -34.61
C LEU A 348 1.70 51.45 -34.29
N VAL A 349 2.25 52.63 -34.47
CA VAL A 349 3.67 52.84 -34.27
C VAL A 349 3.93 53.83 -33.15
N PRO A 350 5.07 53.70 -32.45
CA PRO A 350 5.37 54.63 -31.35
C PRO A 350 5.78 56.02 -31.80
N GLU A 351 5.81 56.96 -30.86
CA GLU A 351 6.20 58.32 -31.17
C GLU A 351 7.71 58.52 -31.04
N LYS A 352 8.19 59.71 -31.39
CA LYS A 352 9.63 59.96 -31.33
C LYS A 352 10.21 60.05 -29.91
N ASP A 353 9.41 60.50 -28.96
CA ASP A 353 9.88 60.63 -27.58
C ASP A 353 9.35 59.52 -26.68
N ASP A 354 9.16 58.33 -27.25
CA ASP A 354 8.65 57.19 -26.50
C ASP A 354 9.49 56.88 -25.26
N THR A 355 8.84 56.96 -24.11
CA THR A 355 9.47 56.70 -22.83
C THR A 355 10.10 55.31 -22.81
N PHE A 356 9.35 54.30 -23.24
CA PHE A 356 9.85 52.93 -23.23
C PHE A 356 11.17 52.75 -23.97
N LEU A 357 11.29 53.34 -25.16
CA LEU A 357 12.53 53.21 -25.93
C LEU A 357 13.67 53.92 -25.22
N LYS A 358 13.41 55.11 -24.70
CA LYS A 358 14.45 55.85 -23.98
C LYS A 358 15.00 55.01 -22.82
N LEU A 359 14.12 54.64 -21.89
CA LEU A 359 14.53 53.86 -20.73
C LEU A 359 15.13 52.49 -21.05
N ALA A 360 14.59 51.83 -22.07
CA ALA A 360 15.09 50.52 -22.47
C ALA A 360 16.51 50.68 -22.99
N SER A 361 16.75 51.80 -23.68
CA SER A 361 18.08 52.07 -24.22
C SER A 361 19.08 52.25 -23.07
N ALA A 362 18.70 53.07 -22.09
CA ALA A 362 19.56 53.31 -20.94
C ALA A 362 19.90 52.00 -20.21
N LEU A 363 18.93 51.10 -20.16
CA LEU A 363 19.11 49.82 -19.50
C LEU A 363 19.68 48.78 -20.45
N ASN A 364 19.60 49.07 -21.74
CA ASN A 364 20.11 48.15 -22.76
C ASN A 364 19.24 46.89 -22.72
N LEU A 365 17.94 47.11 -22.56
CA LEU A 365 16.94 46.07 -22.47
C LEU A 365 16.37 45.75 -23.85
N SER A 366 16.12 44.47 -24.12
CA SER A 366 15.56 44.10 -25.42
C SER A 366 14.18 44.72 -25.54
N THR A 367 13.87 45.29 -26.70
CA THR A 367 12.57 45.90 -26.92
C THR A 367 11.64 44.91 -27.59
N LYS A 368 12.12 43.68 -27.76
CA LYS A 368 11.34 42.61 -28.40
C LYS A 368 10.46 41.87 -27.39
N ASN A 369 9.56 41.02 -27.90
CA ASN A 369 8.66 40.24 -27.05
C ASN A 369 9.40 39.03 -26.49
N ALA A 370 10.48 39.29 -25.76
CA ALA A 370 11.28 38.23 -25.15
C ALA A 370 10.90 38.20 -23.66
N PRO A 371 11.40 37.20 -22.93
CA PRO A 371 11.06 37.14 -21.50
C PRO A 371 11.41 38.47 -20.83
N SER A 372 10.64 38.85 -19.82
CA SER A 372 10.88 40.10 -19.09
C SER A 372 12.32 40.21 -18.62
N GLY A 373 12.92 41.37 -18.83
CA GLY A 373 14.29 41.58 -18.38
C GLY A 373 15.37 41.09 -19.33
N THR A 374 14.99 40.56 -20.48
CA THR A 374 15.97 40.09 -21.45
C THR A 374 16.80 41.28 -21.95
N LEU A 375 18.12 41.15 -21.87
CA LEU A 375 19.02 42.21 -22.31
C LEU A 375 19.36 42.06 -23.79
N VAL A 376 19.63 43.17 -24.45
CA VAL A 376 19.98 43.15 -25.86
C VAL A 376 21.21 42.27 -26.04
N GLY A 377 21.15 41.34 -26.99
CA GLY A 377 22.27 40.45 -27.22
C GLY A 377 22.10 39.08 -26.61
N ASP A 378 21.18 38.96 -25.65
CA ASP A 378 20.92 37.69 -25.00
C ASP A 378 20.35 36.71 -26.01
N LYS A 379 20.47 35.42 -25.72
CA LYS A 379 19.97 34.37 -26.60
C LYS A 379 18.54 34.70 -27.03
N GLU A 380 17.69 34.95 -26.04
CA GLU A 380 16.29 35.27 -26.27
C GLU A 380 16.08 36.47 -27.19
N ASP A 381 16.97 37.44 -27.13
CA ASP A 381 16.86 38.65 -27.95
C ASP A 381 17.33 38.48 -29.39
N ARG A 382 18.27 37.56 -29.59
CA ARG A 382 18.81 37.31 -30.92
C ARG A 382 17.91 36.43 -31.77
N LYS A 383 16.95 35.77 -31.13
CA LYS A 383 16.03 34.87 -31.84
C LYS A 383 15.65 35.50 -33.18
N GLU A 384 15.60 34.65 -34.20
CA GLU A 384 15.28 35.06 -35.57
C GLU A 384 14.29 36.21 -35.75
N ASP A 385 13.04 35.85 -36.03
CA ASP A 385 12.01 36.84 -36.26
C ASP A 385 11.05 36.97 -35.08
N LEU A 386 11.53 37.61 -34.02
CA LEU A 386 10.75 37.83 -32.82
C LEU A 386 10.00 39.14 -32.94
N SER A 387 8.71 39.11 -32.65
CA SER A 387 7.88 40.31 -32.71
C SER A 387 8.25 41.30 -31.60
N SER A 388 7.75 42.52 -31.70
CA SER A 388 8.03 43.56 -30.72
C SER A 388 6.75 44.34 -30.41
N ILE A 389 5.68 43.61 -30.14
CA ILE A 389 4.40 44.24 -29.84
C ILE A 389 4.22 44.49 -28.34
N HIS A 390 3.78 45.70 -28.01
CA HIS A 390 3.57 46.08 -26.63
C HIS A 390 2.25 46.83 -26.47
N TRP A 391 1.53 46.50 -25.41
CA TRP A 391 0.24 47.12 -25.17
C TRP A 391 0.39 48.45 -24.45
N ARG A 392 -0.41 49.42 -24.87
CA ARG A 392 -0.34 50.75 -24.30
C ARG A 392 -1.72 51.29 -23.96
N PHE A 393 -1.79 51.99 -22.83
CA PHE A 393 -3.02 52.58 -22.37
C PHE A 393 -3.25 53.89 -23.13
N GLN A 394 -4.52 54.20 -23.36
CA GLN A 394 -4.94 55.43 -24.05
C GLN A 394 -5.94 56.13 -23.14
N ARG A 395 -5.46 57.04 -22.30
CA ARG A 395 -6.34 57.75 -21.37
C ARG A 395 -7.62 58.29 -22.00
N GLU A 396 -7.50 58.81 -23.22
CA GLU A 396 -8.63 59.37 -23.93
C GLU A 396 -9.74 58.33 -24.13
N LEU A 397 -9.36 57.11 -24.48
CA LEU A 397 -10.33 56.05 -24.69
C LEU A 397 -11.12 55.80 -23.41
N TRP A 398 -10.49 55.99 -22.26
CA TRP A 398 -11.20 55.81 -21.00
C TRP A 398 -12.07 57.03 -20.77
N ASP A 399 -11.52 58.20 -21.08
CA ASP A 399 -12.26 59.44 -20.90
C ASP A 399 -13.59 59.48 -21.66
N GLU A 400 -13.66 58.77 -22.78
CA GLU A 400 -14.90 58.75 -23.56
C GLU A 400 -15.72 57.47 -23.39
N GLU A 401 -15.31 56.62 -22.45
CA GLU A 401 -16.03 55.38 -22.17
C GLU A 401 -17.46 55.75 -21.86
N LYS A 402 -18.42 55.10 -22.51
CA LYS A 402 -19.82 55.42 -22.27
C LYS A 402 -20.57 54.37 -21.46
N GLU A 403 -20.05 53.16 -21.40
CA GLU A 403 -20.73 52.09 -20.67
C GLU A 403 -20.21 51.82 -19.26
N ILE A 404 -18.90 51.64 -19.12
CA ILE A 404 -18.30 51.33 -17.84
C ILE A 404 -18.14 52.53 -16.91
N VAL A 405 -18.54 52.38 -15.66
CA VAL A 405 -18.40 53.43 -14.66
C VAL A 405 -17.69 52.87 -13.43
N LEU A 406 -17.27 53.75 -12.54
CA LEU A 406 -16.60 53.36 -11.32
C LEU A 406 -17.57 53.42 -10.15
N LEU B 9 -19.19 10.95 -5.62
CA LEU B 9 -17.88 10.23 -5.63
C LEU B 9 -17.98 8.79 -5.11
N SER B 10 -17.02 7.97 -5.51
CA SER B 10 -16.96 6.57 -5.08
C SER B 10 -15.58 6.36 -4.47
N PRO B 11 -15.49 6.31 -3.14
CA PRO B 11 -14.22 6.11 -2.45
C PRO B 11 -13.57 4.76 -2.74
N ILE B 12 -12.25 4.78 -2.90
CA ILE B 12 -11.48 3.57 -3.17
C ILE B 12 -10.13 3.75 -2.48
N SER B 13 -9.66 2.70 -1.82
CA SER B 13 -8.37 2.76 -1.14
C SER B 13 -7.22 2.67 -2.13
N LEU B 14 -6.17 3.42 -1.87
CA LEU B 14 -5.00 3.39 -2.76
C LEU B 14 -4.35 2.01 -2.81
N THR B 15 -4.65 1.15 -1.82
CA THR B 15 -4.07 -0.17 -1.81
C THR B 15 -4.59 -0.97 -2.98
N GLU B 16 -5.68 -0.50 -3.59
CA GLU B 16 -6.30 -1.18 -4.71
C GLU B 16 -5.68 -0.85 -6.05
N PHE B 17 -4.94 0.25 -6.10
CA PHE B 17 -4.31 0.67 -7.35
C PHE B 17 -3.26 -0.30 -7.86
N SER B 18 -2.80 -1.19 -7.01
CA SER B 18 -1.81 -2.18 -7.41
C SER B 18 -2.36 -3.06 -8.52
N GLN B 19 -3.67 -3.27 -8.53
CA GLN B 19 -4.27 -4.11 -9.55
C GLN B 19 -4.15 -3.51 -10.94
N TYR B 20 -3.90 -2.21 -11.02
CA TYR B 20 -3.79 -1.57 -12.33
C TYR B 20 -2.57 -1.97 -13.14
N TRP B 21 -1.68 -2.77 -12.55
CA TRP B 21 -0.49 -3.24 -13.25
C TRP B 21 -0.75 -4.47 -14.13
N ALA B 22 -1.94 -5.07 -14.06
CA ALA B 22 -2.18 -6.26 -14.88
C ALA B 22 -3.62 -6.54 -15.24
N GLU B 23 -4.34 -5.50 -15.65
CA GLU B 23 -5.74 -5.69 -16.02
C GLU B 23 -5.94 -6.27 -17.41
N HIS B 24 -4.84 -6.74 -18.00
CA HIS B 24 -4.88 -7.38 -19.30
C HIS B 24 -4.00 -8.61 -19.14
N PRO B 25 -4.56 -9.67 -18.54
CA PRO B 25 -3.92 -10.96 -18.27
C PRO B 25 -3.06 -11.49 -19.41
N GLU B 26 -3.61 -11.50 -20.62
CA GLU B 26 -2.87 -12.00 -21.77
C GLU B 26 -1.60 -11.19 -22.06
N LEU B 27 -1.66 -9.87 -21.85
CA LEU B 27 -0.50 -9.03 -22.12
C LEU B 27 0.58 -9.23 -21.06
N PHE B 28 0.13 -9.55 -19.86
CA PHE B 28 1.02 -9.77 -18.72
C PHE B 28 1.86 -11.05 -18.88
N LEU B 29 1.23 -12.12 -19.35
CA LEU B 29 1.90 -13.41 -19.51
C LEU B 29 2.56 -13.64 -20.87
N GLU B 30 2.14 -12.89 -21.89
CA GLU B 30 2.70 -13.04 -23.24
C GLU B 30 4.22 -13.24 -23.31
N PRO B 31 5.01 -12.39 -22.63
CA PRO B 31 6.46 -12.57 -22.70
C PRO B 31 6.94 -13.97 -22.36
N SER B 32 6.22 -14.67 -21.49
CA SER B 32 6.65 -16.02 -21.09
C SER B 32 6.39 -17.08 -22.16
N PHE B 33 5.52 -16.77 -23.12
CA PHE B 33 5.21 -17.71 -24.18
C PHE B 33 6.14 -17.54 -25.36
N ILE B 34 7.13 -16.65 -25.24
CA ILE B 34 8.07 -16.39 -26.31
C ILE B 34 9.41 -17.06 -26.04
N ASN B 35 9.79 -18.00 -26.90
CA ASN B 35 11.05 -18.74 -26.75
C ASN B 35 11.87 -18.77 -28.04
N ASP B 36 12.99 -19.48 -27.99
CA ASP B 36 13.91 -19.60 -29.13
C ASP B 36 13.31 -20.25 -30.39
N ASP B 37 12.35 -21.13 -30.21
CA ASP B 37 11.74 -21.83 -31.35
C ASP B 37 10.35 -21.34 -31.76
N ASN B 38 10.02 -20.09 -31.46
CA ASN B 38 8.70 -19.58 -31.84
C ASN B 38 8.55 -18.06 -31.74
N TYR B 39 9.63 -17.38 -31.36
CA TYR B 39 9.56 -15.94 -31.19
C TYR B 39 9.12 -15.11 -32.41
N LYS B 40 9.21 -15.67 -33.61
CA LYS B 40 8.82 -14.93 -34.82
C LYS B 40 7.29 -14.96 -35.03
N GLU B 41 6.63 -15.97 -34.49
CA GLU B 41 5.18 -16.07 -34.62
C GLU B 41 4.52 -15.41 -33.42
N HIS B 42 5.33 -14.77 -32.58
CA HIS B 42 4.83 -14.06 -31.40
C HIS B 42 5.30 -12.61 -31.41
N CYS B 43 5.24 -12.00 -32.59
CA CYS B 43 5.65 -10.60 -32.75
C CYS B 43 4.94 -9.97 -33.95
N LEU B 44 3.64 -9.76 -33.78
CA LEU B 44 2.78 -9.17 -34.80
C LEU B 44 3.27 -7.87 -35.44
N ILE B 45 4.05 -7.09 -34.70
CA ILE B 45 4.56 -5.82 -35.22
C ILE B 45 5.87 -5.98 -35.95
N ASP B 46 6.44 -7.18 -35.90
CA ASP B 46 7.68 -7.47 -36.59
C ASP B 46 7.85 -8.98 -36.79
N PRO B 47 7.21 -9.52 -37.84
CA PRO B 47 7.28 -10.96 -38.16
C PRO B 47 8.73 -11.37 -38.48
N GLU B 48 9.62 -10.39 -38.44
CA GLU B 48 11.03 -10.61 -38.72
C GLU B 48 11.89 -9.99 -37.63
N VAL B 49 11.45 -10.16 -36.37
CA VAL B 49 12.17 -9.62 -35.22
C VAL B 49 13.53 -10.32 -35.02
N GLU B 50 14.57 -9.51 -34.85
CA GLU B 50 15.93 -10.01 -34.66
C GLU B 50 16.03 -11.22 -33.73
N SER B 51 16.00 -10.98 -32.42
CA SER B 51 16.11 -12.04 -31.43
C SER B 51 14.85 -12.23 -30.59
N PRO B 52 14.76 -13.35 -29.86
CA PRO B 52 13.59 -13.61 -29.01
C PRO B 52 13.61 -12.69 -27.79
N GLU B 53 14.80 -12.23 -27.42
CA GLU B 53 14.96 -11.32 -26.28
C GLU B 53 14.28 -10.00 -26.64
N LEU B 54 14.38 -9.66 -27.91
CA LEU B 54 13.82 -8.43 -28.45
C LEU B 54 12.32 -8.61 -28.66
N ALA B 55 11.90 -9.84 -28.90
CA ALA B 55 10.48 -10.10 -29.08
C ALA B 55 9.80 -9.90 -27.72
N ARG B 56 10.48 -10.32 -26.66
CA ARG B 56 9.92 -10.18 -25.32
C ARG B 56 9.98 -8.73 -24.84
N MET B 57 11.08 -8.03 -25.12
CA MET B 57 11.21 -6.63 -24.73
C MET B 57 10.07 -5.81 -25.36
N LEU B 58 9.63 -6.23 -26.55
CA LEU B 58 8.53 -5.57 -27.23
C LEU B 58 7.22 -5.97 -26.55
N ALA B 59 7.11 -7.24 -26.17
CA ALA B 59 5.89 -7.70 -25.51
C ALA B 59 5.76 -7.00 -24.16
N VAL B 60 6.89 -6.83 -23.48
CA VAL B 60 6.90 -6.17 -22.19
C VAL B 60 6.55 -4.70 -22.32
N THR B 61 7.08 -4.06 -23.36
CA THR B 61 6.80 -2.64 -23.59
C THR B 61 5.31 -2.48 -23.83
N LYS B 62 4.76 -3.40 -24.61
CA LYS B 62 3.35 -3.35 -24.92
C LYS B 62 2.53 -3.46 -23.64
N TRP B 63 2.94 -4.40 -22.80
CA TRP B 63 2.24 -4.62 -21.53
C TRP B 63 2.26 -3.35 -20.68
N PHE B 64 3.44 -2.73 -20.56
CA PHE B 64 3.58 -1.52 -19.77
C PHE B 64 2.63 -0.42 -20.28
N ILE B 65 2.63 -0.18 -21.58
CA ILE B 65 1.77 0.84 -22.16
C ILE B 65 0.31 0.51 -21.85
N SER B 66 -0.05 -0.78 -21.89
CA SER B 66 -1.44 -1.17 -21.61
C SER B 66 -1.89 -0.80 -20.19
N THR B 67 -0.96 -0.72 -19.24
CA THR B 67 -1.32 -0.41 -17.85
C THR B 67 -1.67 1.07 -17.61
N LEU B 68 -1.10 1.95 -18.41
CA LEU B 68 -1.29 3.39 -18.23
C LEU B 68 -2.75 3.84 -18.20
N LYS B 69 -3.58 3.27 -19.07
CA LYS B 69 -4.99 3.65 -19.08
C LYS B 69 -5.64 3.25 -17.76
N SER B 70 -5.26 2.11 -17.22
CA SER B 70 -5.84 1.64 -15.95
C SER B 70 -5.35 2.46 -14.76
N GLN B 71 -4.10 2.91 -14.83
CA GLN B 71 -3.49 3.68 -13.76
C GLN B 71 -4.02 5.10 -13.67
N TYR B 72 -4.30 5.72 -14.82
CA TYR B 72 -4.74 7.11 -14.87
C TYR B 72 -6.15 7.43 -15.39
N CYS B 73 -6.94 6.41 -15.69
CA CYS B 73 -8.29 6.66 -16.20
C CYS B 73 -9.35 5.77 -15.54
N SER B 74 -10.60 6.16 -15.71
CA SER B 74 -11.73 5.41 -15.17
C SER B 74 -12.90 5.71 -16.09
N ARG B 75 -13.44 4.66 -16.71
CA ARG B 75 -14.56 4.80 -17.65
C ARG B 75 -14.19 5.78 -18.76
N ASN B 76 -12.93 5.72 -19.20
CA ASN B 76 -12.41 6.59 -20.25
C ASN B 76 -12.05 7.98 -19.71
N GLU B 77 -12.79 8.44 -18.71
CA GLU B 77 -12.54 9.74 -18.08
C GLU B 77 -11.30 9.66 -17.19
N SER B 78 -10.82 10.80 -16.70
CA SER B 78 -9.67 10.81 -15.81
C SER B 78 -10.09 10.17 -14.49
N LEU B 79 -9.27 9.25 -13.98
CA LEU B 79 -9.59 8.55 -12.73
C LEU B 79 -9.87 9.48 -11.55
N GLY B 80 -9.28 10.68 -11.58
CA GLY B 80 -9.49 11.61 -10.49
C GLY B 80 -10.88 12.24 -10.47
N SER B 81 -11.60 12.12 -11.59
CA SER B 81 -12.94 12.68 -11.72
C SER B 81 -14.04 11.63 -11.55
N GLU B 82 -13.70 10.48 -10.98
CA GLU B 82 -14.68 9.42 -10.76
C GLU B 82 -14.35 8.54 -9.57
N LYS B 83 -13.25 8.88 -8.88
CA LYS B 83 -12.82 8.11 -7.72
C LYS B 83 -12.28 9.03 -6.63
N LYS B 84 -12.65 8.74 -5.39
CA LYS B 84 -12.18 9.50 -4.23
C LYS B 84 -11.21 8.60 -3.47
N PRO B 85 -9.89 8.76 -3.72
CA PRO B 85 -8.84 7.98 -3.08
C PRO B 85 -8.77 8.08 -1.57
N LEU B 86 -8.81 6.93 -0.90
CA LEU B 86 -8.71 6.89 0.54
C LEU B 86 -7.25 6.60 0.93
N ASN B 87 -6.74 7.32 1.91
CA ASN B 87 -5.37 7.12 2.39
C ASN B 87 -5.43 5.85 3.24
N PRO B 88 -4.71 4.78 2.85
CA PRO B 88 -4.74 3.53 3.60
C PRO B 88 -4.10 3.58 4.98
N PHE B 89 -4.59 2.74 5.88
CA PHE B 89 -4.03 2.67 7.22
C PHE B 89 -2.89 1.64 7.20
N LEU B 90 -1.90 1.84 8.06
CA LEU B 90 -0.77 0.92 8.14
C LEU B 90 -1.28 -0.52 8.34
N GLY B 91 -0.73 -1.45 7.57
CA GLY B 91 -1.12 -2.84 7.71
C GLY B 91 -2.31 -3.26 6.87
N GLU B 92 -2.92 -2.30 6.17
CA GLU B 92 -4.07 -2.59 5.33
C GLU B 92 -3.64 -3.52 4.19
N LEU B 93 -4.52 -4.45 3.84
CA LEU B 93 -4.19 -5.38 2.77
C LEU B 93 -5.28 -5.43 1.72
N PHE B 94 -4.89 -5.81 0.52
CA PHE B 94 -5.82 -5.97 -0.58
C PHE B 94 -5.31 -7.15 -1.38
N VAL B 95 -6.12 -8.21 -1.49
CA VAL B 95 -5.69 -9.39 -2.26
C VAL B 95 -6.81 -9.91 -3.17
N GLY B 96 -6.44 -10.68 -4.17
CA GLY B 96 -7.41 -11.22 -5.09
C GLY B 96 -6.69 -11.92 -6.21
N LYS B 97 -7.41 -12.24 -7.29
CA LYS B 97 -6.75 -12.91 -8.40
C LYS B 97 -7.52 -12.82 -9.70
N TRP B 98 -6.81 -13.10 -10.78
CA TRP B 98 -7.40 -13.15 -12.11
C TRP B 98 -7.38 -14.65 -12.33
N GLU B 99 -8.55 -15.25 -12.38
CA GLU B 99 -8.63 -16.69 -12.55
C GLU B 99 -8.29 -17.18 -13.94
N ASN B 100 -8.65 -16.40 -14.96
CA ASN B 100 -8.36 -16.78 -16.32
C ASN B 100 -8.94 -18.15 -16.63
N LYS B 101 -10.24 -18.30 -16.42
CA LYS B 101 -10.91 -19.58 -16.66
C LYS B 101 -11.04 -19.92 -18.14
N GLU B 102 -11.15 -18.89 -18.97
CA GLU B 102 -11.30 -19.09 -20.41
C GLU B 102 -9.95 -19.37 -21.07
N HIS B 103 -8.89 -19.43 -20.27
CA HIS B 103 -7.54 -19.69 -20.78
C HIS B 103 -6.77 -20.55 -19.79
N PRO B 104 -7.09 -21.86 -19.73
CA PRO B 104 -6.40 -22.77 -18.81
C PRO B 104 -4.87 -22.78 -18.90
N GLU B 105 -4.33 -22.40 -20.06
CA GLU B 105 -2.88 -22.38 -20.23
C GLU B 105 -2.25 -21.20 -19.47
N PHE B 106 -3.08 -20.21 -19.15
CA PHE B 106 -2.63 -19.03 -18.41
C PHE B 106 -2.36 -19.40 -16.97
N GLY B 107 -3.38 -19.92 -16.31
CA GLY B 107 -3.25 -20.30 -14.94
C GLY B 107 -3.61 -19.08 -14.12
N GLU B 108 -3.88 -19.30 -12.85
CA GLU B 108 -4.26 -18.26 -11.92
C GLU B 108 -3.15 -17.22 -11.67
N THR B 109 -3.50 -15.94 -11.68
CA THR B 109 -2.53 -14.88 -11.41
C THR B 109 -2.98 -14.17 -10.13
N VAL B 110 -2.13 -14.23 -9.10
CA VAL B 110 -2.41 -13.66 -7.79
C VAL B 110 -1.92 -12.23 -7.59
N LEU B 111 -2.65 -11.47 -6.78
CA LEU B 111 -2.27 -10.09 -6.48
C LEU B 111 -2.25 -9.88 -4.98
N LEU B 112 -1.15 -9.35 -4.47
CA LEU B 112 -1.02 -9.05 -3.04
C LEU B 112 -0.63 -7.59 -2.92
N SER B 113 -1.35 -6.85 -2.10
CA SER B 113 -1.05 -5.45 -1.94
C SER B 113 -1.05 -5.14 -0.46
N GLU B 114 -0.06 -4.37 -0.01
CA GLU B 114 0.03 -4.02 1.40
C GLU B 114 0.47 -2.57 1.58
N GLN B 115 -0.09 -1.91 2.57
CA GLN B 115 0.29 -0.54 2.87
C GLN B 115 1.43 -0.71 3.88
N VAL B 116 2.66 -0.56 3.41
CA VAL B 116 3.83 -0.75 4.26
C VAL B 116 4.29 0.48 5.02
N SER B 117 3.68 1.62 4.73
CA SER B 117 4.03 2.85 5.43
C SER B 117 2.84 3.81 5.41
N HIS B 118 2.71 4.59 6.48
CA HIS B 118 1.61 5.54 6.60
C HIS B 118 2.17 6.96 6.62
N HIS B 119 3.39 7.07 7.15
CA HIS B 119 4.10 8.35 7.21
C HIS B 119 5.51 8.09 6.70
N PRO B 120 5.72 8.25 5.38
CA PRO B 120 4.70 8.66 4.40
C PRO B 120 3.93 7.45 3.87
N PRO B 121 2.85 7.69 3.10
CA PRO B 121 2.06 6.57 2.55
C PRO B 121 2.83 5.79 1.50
N VAL B 122 2.91 4.49 1.66
CA VAL B 122 3.62 3.66 0.69
C VAL B 122 2.87 2.36 0.54
N THR B 123 2.62 1.98 -0.71
CA THR B 123 1.93 0.72 -0.98
C THR B 123 2.92 -0.20 -1.68
N ALA B 124 3.06 -1.44 -1.19
CA ALA B 124 3.93 -2.42 -1.82
C ALA B 124 3.04 -3.51 -2.42
N PHE B 125 3.48 -4.10 -3.53
CA PHE B 125 2.67 -5.11 -4.15
C PHE B 125 3.46 -6.17 -4.91
N SER B 126 2.75 -7.25 -5.24
CA SER B 126 3.30 -8.33 -5.99
C SER B 126 2.18 -9.00 -6.79
N ILE B 127 2.47 -9.26 -8.05
CA ILE B 127 1.53 -9.93 -8.91
C ILE B 127 2.32 -11.09 -9.50
N PHE B 128 1.85 -12.31 -9.25
CA PHE B 128 2.56 -13.48 -9.76
C PHE B 128 1.66 -14.59 -10.28
N ASN B 129 2.20 -15.27 -11.29
CA ASN B 129 1.54 -16.39 -11.94
C ASN B 129 2.56 -17.53 -11.88
N ASP B 130 2.34 -18.46 -10.95
CA ASP B 130 3.26 -19.57 -10.78
C ASP B 130 3.37 -20.49 -11.99
N LYS B 131 2.24 -20.74 -12.65
CA LYS B 131 2.23 -21.62 -13.81
C LYS B 131 3.15 -21.26 -14.95
N ASN B 132 3.34 -19.97 -15.21
CA ASN B 132 4.20 -19.56 -16.30
C ASN B 132 5.44 -18.84 -15.83
N LYS B 133 5.65 -18.84 -14.52
CA LYS B 133 6.82 -18.21 -13.90
C LYS B 133 6.99 -16.72 -14.22
N VAL B 134 5.90 -15.97 -14.14
CA VAL B 134 5.92 -14.54 -14.38
C VAL B 134 5.62 -13.89 -13.03
N LYS B 135 6.49 -12.99 -12.58
CA LYS B 135 6.22 -12.37 -11.30
C LYS B 135 6.62 -10.92 -11.25
N LEU B 136 5.73 -10.12 -10.68
CA LEU B 136 5.94 -8.70 -10.56
C LEU B 136 5.97 -8.28 -9.11
N GLN B 137 6.84 -7.33 -8.82
CA GLN B 137 6.91 -6.81 -7.47
C GLN B 137 7.34 -5.36 -7.55
N GLY B 138 6.83 -4.55 -6.64
CA GLY B 138 7.20 -3.14 -6.64
C GLY B 138 6.54 -2.42 -5.49
N TYR B 139 6.71 -1.11 -5.45
CA TYR B 139 6.07 -0.32 -4.42
C TYR B 139 5.86 1.09 -4.95
N ASN B 140 4.86 1.76 -4.40
CA ASN B 140 4.48 3.09 -4.83
C ASN B 140 4.46 4.13 -3.71
N GLN B 141 5.00 5.30 -4.00
CA GLN B 141 5.00 6.42 -3.05
C GLN B 141 4.89 7.69 -3.87
N ILE B 142 4.05 8.62 -3.42
CA ILE B 142 3.87 9.87 -4.12
C ILE B 142 3.90 11.10 -3.22
N LYS B 143 4.17 12.24 -3.82
CA LYS B 143 4.21 13.51 -3.13
C LYS B 143 3.39 14.48 -3.98
N ALA B 144 2.20 14.82 -3.51
CA ALA B 144 1.32 15.73 -4.23
C ALA B 144 1.58 17.20 -3.90
N SER B 145 1.43 18.06 -4.89
CA SER B 145 1.64 19.49 -4.75
C SER B 145 0.61 20.20 -5.62
N PHE B 146 0.57 21.52 -5.58
CA PHE B 146 -0.38 22.26 -6.39
C PHE B 146 0.29 23.34 -7.20
N THR B 147 -0.25 23.61 -8.38
CA THR B 147 0.27 24.67 -9.22
C THR B 147 -0.43 25.90 -8.66
N LYS B 148 -0.13 27.08 -9.18
CA LYS B 148 -0.78 28.29 -8.68
C LYS B 148 -2.25 28.26 -9.09
N SER B 149 -2.55 27.59 -10.19
CA SER B 149 -3.90 27.47 -10.70
C SER B 149 -4.62 26.30 -10.00
N LEU B 150 -3.98 25.82 -8.93
CA LEU B 150 -4.50 24.73 -8.13
C LEU B 150 -4.74 23.46 -8.94
N MET B 151 -3.79 23.16 -9.82
CA MET B 151 -3.82 21.96 -10.64
C MET B 151 -3.05 20.93 -9.81
N LEU B 152 -3.48 19.67 -9.83
CA LEU B 152 -2.82 18.63 -9.04
C LEU B 152 -1.52 18.12 -9.68
N THR B 153 -0.46 18.12 -8.91
CA THR B 153 0.84 17.65 -9.35
C THR B 153 1.28 16.51 -8.43
N VAL B 154 1.43 15.32 -9.01
CA VAL B 154 1.84 14.15 -8.23
C VAL B 154 3.18 13.62 -8.68
N LYS B 155 4.16 13.68 -7.80
CA LYS B 155 5.48 13.19 -8.11
C LYS B 155 5.58 11.71 -7.67
N GLN B 156 6.12 10.87 -8.54
CA GLN B 156 6.23 9.46 -8.24
C GLN B 156 7.58 9.01 -7.74
N PHE B 157 7.55 8.13 -6.75
CA PHE B 157 8.75 7.54 -6.19
C PHE B 157 8.50 6.03 -6.26
N GLY B 158 9.55 5.26 -6.42
CA GLY B 158 9.37 3.82 -6.49
C GLY B 158 9.60 3.23 -7.88
N HIS B 159 9.61 1.91 -7.93
CA HIS B 159 9.82 1.20 -9.18
C HIS B 159 9.21 -0.19 -9.07
N THR B 160 9.33 -0.93 -10.16
CA THR B 160 8.78 -2.26 -10.24
C THR B 160 9.72 -3.21 -10.98
N MET B 161 9.78 -4.46 -10.53
CA MET B 161 10.62 -5.44 -11.21
C MET B 161 9.80 -6.60 -11.70
N LEU B 162 9.98 -6.93 -12.97
CA LEU B 162 9.26 -8.01 -13.61
C LEU B 162 10.20 -9.16 -13.97
N ASP B 163 9.80 -10.38 -13.62
CA ASP B 163 10.58 -11.57 -13.94
C ASP B 163 9.81 -12.49 -14.87
N ILE B 164 10.37 -12.70 -16.07
CA ILE B 164 9.78 -13.58 -17.06
C ILE B 164 10.76 -14.76 -17.00
N LYS B 165 10.40 -15.80 -16.24
CA LYS B 165 11.27 -16.94 -16.04
C LYS B 165 12.60 -16.40 -15.52
N ASP B 166 13.69 -16.68 -16.22
CA ASP B 166 15.00 -16.23 -15.76
C ASP B 166 15.41 -14.87 -16.32
N GLU B 167 14.48 -14.20 -17.00
CA GLU B 167 14.76 -12.89 -17.56
C GLU B 167 14.13 -11.81 -16.66
N SER B 168 14.86 -10.74 -16.40
CA SER B 168 14.39 -9.66 -15.54
C SER B 168 14.24 -8.31 -16.24
N TYR B 169 13.34 -7.49 -15.71
CA TYR B 169 13.10 -6.16 -16.26
C TYR B 169 12.78 -5.17 -15.15
N LEU B 170 13.52 -4.08 -15.12
CA LEU B 170 13.30 -3.04 -14.12
C LEU B 170 12.42 -1.99 -14.81
N VAL B 171 11.30 -1.66 -14.19
CA VAL B 171 10.37 -0.69 -14.76
C VAL B 171 10.17 0.52 -13.86
N THR B 172 10.36 1.72 -14.40
CA THR B 172 10.17 2.92 -13.59
C THR B 172 8.88 3.60 -14.06
N PRO B 173 7.93 3.83 -13.15
CA PRO B 173 6.67 4.46 -13.52
C PRO B 173 6.88 5.92 -13.92
N PRO B 174 5.89 6.52 -14.62
CA PRO B 174 6.03 7.91 -15.02
C PRO B 174 6.33 8.78 -13.80
N PRO B 175 7.43 9.54 -13.85
CA PRO B 175 7.86 10.42 -12.75
C PRO B 175 6.88 11.47 -12.27
N LEU B 176 6.02 11.98 -13.16
CA LEU B 176 5.09 13.02 -12.75
C LEU B 176 3.79 13.00 -13.55
N HIS B 177 2.68 13.24 -12.88
CA HIS B 177 1.42 13.32 -13.59
C HIS B 177 0.60 14.48 -13.06
N ILE B 178 -0.07 15.19 -13.96
CA ILE B 178 -0.87 16.34 -13.58
C ILE B 178 -2.33 16.04 -13.80
N GLU B 179 -3.16 16.47 -12.86
CA GLU B 179 -4.60 16.27 -12.94
C GLU B 179 -5.36 17.57 -12.86
N GLY B 180 -6.27 17.76 -13.81
CA GLY B 180 -7.11 18.96 -13.81
C GLY B 180 -8.23 18.65 -12.84
N ILE B 181 -8.18 19.27 -11.67
CA ILE B 181 -9.16 19.06 -10.62
C ILE B 181 -10.50 19.77 -10.88
N LEU B 182 -10.58 21.01 -10.43
CA LEU B 182 -11.77 21.84 -10.58
C LEU B 182 -11.73 22.46 -11.96
N VAL B 183 -11.94 21.62 -12.98
CA VAL B 183 -11.91 22.05 -14.36
C VAL B 183 -13.18 21.63 -15.10
N ALA B 184 -13.59 22.44 -16.08
CA ALA B 184 -14.78 22.14 -16.88
C ALA B 184 -14.61 20.76 -17.51
N SER B 185 -13.42 20.51 -18.05
CA SER B 185 -13.11 19.24 -18.69
C SER B 185 -11.91 18.61 -17.98
N PRO B 186 -12.16 17.79 -16.96
CA PRO B 186 -11.09 17.13 -16.21
C PRO B 186 -10.17 16.33 -17.12
N PHE B 187 -8.91 16.18 -16.71
CA PHE B 187 -7.93 15.48 -17.51
C PHE B 187 -6.74 15.02 -16.67
N VAL B 188 -5.91 14.16 -17.26
CA VAL B 188 -4.71 13.67 -16.61
C VAL B 188 -3.61 13.64 -17.67
N GLU B 189 -2.42 14.09 -17.31
CA GLU B 189 -1.33 14.09 -18.25
C GLU B 189 -0.04 13.61 -17.58
N LEU B 190 0.77 12.88 -18.34
CA LEU B 190 2.02 12.36 -17.82
C LEU B 190 3.21 13.18 -18.30
N GLU B 191 4.24 13.28 -17.45
CA GLU B 191 5.45 14.02 -17.78
C GLU B 191 6.68 13.22 -17.36
N GLY B 192 7.78 13.42 -18.08
CA GLY B 192 9.02 12.72 -17.73
C GLY B 192 9.27 11.46 -18.54
N LYS B 193 10.26 10.69 -18.13
CA LYS B 193 10.59 9.46 -18.84
C LYS B 193 10.45 8.22 -17.96
N SER B 194 10.04 7.13 -18.57
CA SER B 194 9.93 5.86 -17.87
C SER B 194 10.95 4.98 -18.57
N TYR B 195 11.48 3.99 -17.87
CA TYR B 195 12.47 3.10 -18.46
C TYR B 195 12.10 1.65 -18.21
N ILE B 196 12.58 0.81 -19.12
CA ILE B 196 12.38 -0.62 -19.01
C ILE B 196 13.75 -1.21 -19.35
N GLN B 197 14.51 -1.55 -18.30
CA GLN B 197 15.84 -2.11 -18.46
C GLN B 197 15.80 -3.62 -18.29
N SER B 198 16.22 -4.36 -19.31
CA SER B 198 16.21 -5.81 -19.24
C SER B 198 17.56 -6.37 -18.83
N SER B 199 17.57 -7.58 -18.29
CA SER B 199 18.82 -8.23 -17.91
C SER B 199 19.56 -8.58 -19.21
N THR B 200 18.84 -8.54 -20.32
CA THR B 200 19.40 -8.84 -21.64
C THR B 200 20.14 -7.65 -22.21
N GLY B 201 20.16 -6.55 -21.45
CA GLY B 201 20.85 -5.36 -21.91
C GLY B 201 19.93 -4.39 -22.63
N LEU B 202 18.92 -4.91 -23.33
CA LEU B 202 17.97 -4.07 -24.05
C LEU B 202 17.35 -3.01 -23.13
N LEU B 203 17.10 -1.83 -23.68
CA LEU B 203 16.53 -0.72 -22.90
C LEU B 203 15.45 0.06 -23.66
N CYS B 204 14.31 0.29 -23.01
CA CYS B 204 13.24 1.06 -23.64
C CYS B 204 13.10 2.38 -22.90
N VAL B 205 13.02 3.47 -23.66
CA VAL B 205 12.87 4.77 -23.04
C VAL B 205 11.56 5.39 -23.49
N ILE B 206 10.66 5.63 -22.54
CA ILE B 206 9.37 6.23 -22.85
C ILE B 206 9.30 7.68 -22.36
N GLU B 207 9.08 8.60 -23.29
CA GLU B 207 8.96 10.02 -22.96
C GLU B 207 7.50 10.44 -23.05
N PHE B 208 7.00 11.10 -22.02
CA PHE B 208 5.62 11.54 -22.04
C PHE B 208 5.52 13.03 -22.33
N SER B 209 4.50 13.43 -23.06
CA SER B 209 4.31 14.83 -23.41
C SER B 209 3.15 15.43 -22.63
N GLY B 210 3.48 16.14 -21.54
CA GLY B 210 2.47 16.74 -20.69
C GLY B 210 1.96 18.10 -21.16
N VAL B 211 0.64 18.20 -21.34
CA VAL B 211 0.01 19.45 -21.79
C VAL B 211 0.82 20.00 -22.96
N ASP B 212 1.36 19.08 -23.77
CA ASP B 212 2.16 19.44 -24.92
C ASP B 212 1.35 19.27 -26.20
N GLY B 213 1.42 18.08 -26.78
CA GLY B 213 0.70 17.82 -28.01
C GLY B 213 -0.29 16.68 -27.95
N LYS B 214 -1.27 16.72 -28.85
CA LYS B 214 -2.30 15.71 -28.96
C LYS B 214 -2.50 14.88 -27.69
N LYS B 215 -2.95 15.53 -26.63
CA LYS B 215 -3.21 14.89 -25.34
C LYS B 215 -2.21 13.78 -24.99
N ASN B 216 -2.68 12.85 -24.17
CA ASN B 216 -1.92 11.71 -23.64
C ASN B 216 -0.94 10.99 -24.56
N SER B 217 0.08 11.71 -25.03
CA SER B 217 1.06 11.13 -25.93
C SER B 217 2.35 10.62 -25.30
N PHE B 218 3.10 9.86 -26.09
CA PHE B 218 4.37 9.33 -25.65
C PHE B 218 5.18 8.92 -26.86
N LYS B 219 6.48 8.77 -26.65
CA LYS B 219 7.40 8.38 -27.69
C LYS B 219 8.32 7.37 -27.00
N ALA B 220 8.34 6.14 -27.48
CA ALA B 220 9.16 5.12 -26.88
C ALA B 220 10.19 4.61 -27.88
N ARG B 221 11.40 4.36 -27.38
CA ARG B 221 12.47 3.87 -28.22
C ARG B 221 13.19 2.71 -27.55
N ILE B 222 13.36 1.62 -28.29
CA ILE B 222 14.07 0.44 -27.78
C ILE B 222 15.52 0.48 -28.28
N TYR B 223 16.47 0.42 -27.35
CA TYR B 223 17.88 0.45 -27.72
C TYR B 223 18.62 -0.87 -27.43
N LYS B 224 19.70 -1.13 -28.17
CA LYS B 224 20.49 -2.35 -27.99
C LYS B 224 20.99 -2.40 -26.55
N ASP B 225 21.62 -1.32 -26.11
CA ASP B 225 22.13 -1.24 -24.74
C ASP B 225 21.99 0.17 -24.20
N SER B 226 22.28 0.32 -22.91
CA SER B 226 22.18 1.61 -22.24
C SER B 226 23.00 2.73 -22.86
N LYS B 227 24.12 2.38 -23.47
CA LYS B 227 25.00 3.37 -24.10
C LYS B 227 24.37 3.98 -25.35
N ASP B 228 23.67 3.16 -26.13
CA ASP B 228 23.00 3.60 -27.35
C ASP B 228 21.86 4.58 -27.10
N SER B 229 21.25 4.51 -25.91
CA SER B 229 20.14 5.38 -25.58
C SER B 229 20.51 6.87 -25.61
N LYS B 230 21.80 7.15 -25.72
CA LYS B 230 22.28 8.52 -25.77
C LYS B 230 22.08 9.11 -27.17
N ASP B 231 21.87 8.24 -28.14
CA ASP B 231 21.68 8.66 -29.53
C ASP B 231 20.29 8.25 -30.02
N LYS B 232 19.36 9.20 -30.05
CA LYS B 232 18.00 8.91 -30.48
C LYS B 232 17.93 8.22 -31.84
N GLU B 233 19.04 8.23 -32.56
CA GLU B 233 19.07 7.63 -33.89
C GLU B 233 19.43 6.14 -33.89
N LYS B 234 20.07 5.67 -32.83
CA LYS B 234 20.45 4.26 -32.74
C LYS B 234 19.30 3.38 -32.25
N ALA B 235 18.08 3.91 -32.28
CA ALA B 235 16.90 3.18 -31.82
C ALA B 235 16.52 2.05 -32.77
N LEU B 236 16.36 0.85 -32.22
CA LEU B 236 15.97 -0.32 -33.01
C LEU B 236 14.53 -0.18 -33.49
N TYR B 237 13.67 0.34 -32.61
CA TYR B 237 12.28 0.56 -32.93
C TYR B 237 11.87 1.87 -32.27
N THR B 238 10.84 2.50 -32.82
CA THR B 238 10.33 3.75 -32.30
C THR B 238 8.82 3.63 -32.25
N ILE B 239 8.25 3.84 -31.07
CA ILE B 239 6.81 3.75 -30.89
C ILE B 239 6.27 5.12 -30.51
N SER B 240 5.14 5.50 -31.09
CA SER B 240 4.58 6.80 -30.77
C SER B 240 3.08 6.81 -30.99
N GLY B 241 2.40 7.61 -30.18
CA GLY B 241 0.96 7.74 -30.23
C GLY B 241 0.40 8.14 -28.87
N GLN B 242 -0.79 7.67 -28.54
CA GLN B 242 -1.34 8.02 -27.24
C GLN B 242 -1.56 6.76 -26.40
N TRP B 243 -1.14 6.84 -25.13
CA TRP B 243 -1.26 5.70 -24.23
C TRP B 243 -2.69 5.39 -23.84
N SER B 244 -3.59 6.33 -24.10
CA SER B 244 -5.00 6.14 -23.81
C SER B 244 -5.75 5.85 -25.09
N GLY B 245 -4.99 5.68 -26.18
CA GLY B 245 -5.59 5.40 -27.47
C GLY B 245 -4.75 4.46 -28.31
N SER B 246 -4.43 4.87 -29.54
CA SER B 246 -3.65 3.99 -30.39
C SER B 246 -2.28 4.57 -30.67
N SER B 247 -1.33 3.70 -30.91
CA SER B 247 0.04 4.10 -31.19
C SER B 247 0.62 3.21 -32.29
N LYS B 248 1.63 3.72 -32.97
CA LYS B 248 2.23 3.02 -34.07
C LYS B 248 3.71 2.73 -33.81
N ILE B 249 4.22 1.67 -34.45
CA ILE B 249 5.60 1.26 -34.27
C ILE B 249 6.33 1.31 -35.63
N ILE B 250 7.53 1.86 -35.61
CA ILE B 250 8.36 2.00 -36.80
C ILE B 250 9.71 1.34 -36.53
N LYS B 251 10.06 0.33 -37.32
CA LYS B 251 11.34 -0.35 -37.14
C LYS B 251 12.44 0.50 -37.76
N ALA B 252 13.64 0.42 -37.19
CA ALA B 252 14.77 1.19 -37.70
C ALA B 252 14.26 2.55 -38.18
N ASN B 253 14.58 2.89 -39.43
CA ASN B 253 14.17 4.17 -40.01
C ASN B 253 13.05 4.02 -41.06
N LYS B 254 12.74 2.77 -41.40
CA LYS B 254 11.71 2.46 -42.40
C LYS B 254 10.34 3.03 -42.02
N LYS B 255 10.22 4.36 -42.04
CA LYS B 255 8.97 5.02 -41.69
C LYS B 255 7.77 4.52 -42.49
N GLU B 256 7.99 4.24 -43.78
CA GLU B 256 6.94 3.78 -44.65
C GLU B 256 6.21 2.52 -44.18
N GLU B 257 6.86 1.73 -43.34
CA GLU B 257 6.23 0.51 -42.86
C GLU B 257 5.85 0.56 -41.38
N SER B 258 5.14 1.60 -40.97
CA SER B 258 4.73 1.71 -39.58
C SER B 258 3.49 0.84 -39.36
N ARG B 259 3.46 0.13 -38.23
CA ARG B 259 2.34 -0.74 -37.88
C ARG B 259 1.61 -0.28 -36.63
N LEU B 260 0.37 -0.72 -36.48
CA LEU B 260 -0.40 -0.39 -35.29
C LEU B 260 0.24 -1.16 -34.13
N PHE B 261 0.68 -0.44 -33.11
CA PHE B 261 1.31 -1.10 -31.98
C PHE B 261 0.31 -1.55 -30.92
N TYR B 262 -0.53 -0.63 -30.46
CA TYR B 262 -1.51 -0.95 -29.44
C TYR B 262 -2.72 -0.04 -29.53
N ASP B 263 -3.91 -0.59 -29.32
CA ASP B 263 -5.12 0.22 -29.35
C ASP B 263 -5.81 0.04 -28.01
N ALA B 264 -5.63 1.03 -27.14
CA ALA B 264 -6.19 1.03 -25.79
C ALA B 264 -7.71 0.96 -25.71
N ALA B 265 -8.40 1.21 -26.81
CA ALA B 265 -9.87 1.21 -26.82
C ALA B 265 -10.51 -0.14 -27.15
N ARG B 266 -9.75 -1.03 -27.77
CA ARG B 266 -10.28 -2.34 -28.16
C ARG B 266 -10.79 -3.20 -27.01
N ILE B 267 -9.88 -3.86 -26.31
CA ILE B 267 -10.27 -4.76 -25.23
C ILE B 267 -10.43 -4.10 -23.87
N PRO B 268 -11.59 -4.27 -23.23
CA PRO B 268 -11.83 -3.69 -21.91
C PRO B 268 -10.97 -4.36 -20.83
N ALA B 269 -10.71 -3.62 -19.76
CA ALA B 269 -9.90 -4.13 -18.65
C ALA B 269 -10.65 -5.16 -17.84
N GLU B 270 -9.93 -6.19 -17.41
CA GLU B 270 -10.51 -7.25 -16.60
C GLU B 270 -10.12 -7.01 -15.15
N HIS B 271 -11.12 -6.72 -14.33
CA HIS B 271 -10.89 -6.45 -12.92
C HIS B 271 -10.59 -7.77 -12.21
N LEU B 272 -9.69 -7.73 -11.23
CA LEU B 272 -9.35 -8.94 -10.53
C LEU B 272 -10.51 -9.38 -9.62
N ASN B 273 -10.56 -10.67 -9.37
CA ASN B 273 -11.61 -11.26 -8.55
C ASN B 273 -11.26 -11.11 -7.07
N VAL B 274 -12.18 -10.52 -6.33
CA VAL B 274 -12.01 -10.28 -4.91
C VAL B 274 -13.12 -11.03 -4.21
N LYS B 275 -12.82 -11.69 -3.09
CA LYS B 275 -13.87 -12.42 -2.42
C LYS B 275 -14.90 -11.49 -1.77
N PRO B 276 -16.14 -11.98 -1.64
CA PRO B 276 -17.23 -11.19 -1.04
C PRO B 276 -16.86 -10.65 0.35
N LEU B 277 -17.39 -9.47 0.68
CA LEU B 277 -17.11 -8.82 1.96
C LEU B 277 -17.29 -9.69 3.19
N GLU B 278 -18.31 -10.54 3.18
CA GLU B 278 -18.60 -11.43 4.30
C GLU B 278 -17.43 -12.36 4.62
N GLU B 279 -16.70 -12.77 3.59
CA GLU B 279 -15.57 -13.68 3.75
C GLU B 279 -14.20 -13.00 3.89
N GLN B 280 -14.20 -11.68 4.05
CA GLN B 280 -12.94 -10.95 4.15
C GLN B 280 -12.43 -10.71 5.56
N HIS B 281 -11.12 -10.81 5.72
CA HIS B 281 -10.47 -10.58 7.02
C HIS B 281 -10.61 -9.08 7.33
N PRO B 282 -10.69 -8.72 8.62
CA PRO B 282 -10.83 -7.30 8.95
C PRO B 282 -9.69 -6.36 8.52
N LEU B 283 -8.56 -6.90 8.10
CA LEU B 283 -7.45 -6.07 7.63
C LEU B 283 -7.60 -5.77 6.13
N GLU B 284 -8.48 -6.51 5.45
CA GLU B 284 -8.69 -6.31 4.03
C GLU B 284 -9.41 -4.99 3.74
N SER B 285 -8.88 -4.26 2.77
CA SER B 285 -9.36 -2.95 2.38
C SER B 285 -10.88 -2.73 2.24
N ARG B 286 -11.53 -3.50 1.36
CA ARG B 286 -12.97 -3.29 1.19
C ARG B 286 -13.77 -3.51 2.46
N LYS B 287 -13.45 -4.53 3.24
CA LYS B 287 -14.18 -4.72 4.48
C LYS B 287 -13.80 -3.66 5.51
N ALA B 288 -12.53 -3.32 5.60
CA ALA B 288 -12.09 -2.34 6.58
C ALA B 288 -12.67 -0.95 6.34
N TRP B 289 -12.84 -0.58 5.08
CA TRP B 289 -13.36 0.75 4.76
C TRP B 289 -14.87 0.82 4.49
N TYR B 290 -15.56 -0.32 4.56
CA TYR B 290 -17.00 -0.35 4.29
C TYR B 290 -17.86 0.74 4.94
N ASP B 291 -17.85 0.83 6.27
CA ASP B 291 -18.65 1.84 6.95
C ASP B 291 -18.25 3.25 6.53
N VAL B 292 -16.97 3.59 6.69
CA VAL B 292 -16.49 4.90 6.30
C VAL B 292 -16.88 5.25 4.86
N ALA B 293 -16.75 4.28 3.96
CA ALA B 293 -17.09 4.51 2.57
C ALA B 293 -18.58 4.79 2.41
N GLY B 294 -19.40 4.05 3.15
CA GLY B 294 -20.84 4.25 3.06
C GLY B 294 -21.19 5.67 3.48
N ALA B 295 -20.52 6.13 4.53
CA ALA B 295 -20.74 7.46 5.06
C ALA B 295 -20.32 8.53 4.05
N ILE B 296 -19.18 8.29 3.38
CA ILE B 296 -18.67 9.24 2.38
C ILE B 296 -19.72 9.43 1.27
N LYS B 297 -20.25 8.33 0.77
CA LYS B 297 -21.26 8.39 -0.28
C LYS B 297 -22.47 9.18 0.20
N LEU B 298 -22.95 8.87 1.40
CA LEU B 298 -24.10 9.53 1.99
C LEU B 298 -23.88 11.03 2.20
N GLY B 299 -22.64 11.45 2.41
CA GLY B 299 -22.36 12.85 2.63
C GLY B 299 -22.68 13.28 4.06
N ASP B 300 -22.93 12.30 4.91
CA ASP B 300 -23.25 12.53 6.33
C ASP B 300 -22.00 12.87 7.17
N PHE B 301 -21.83 14.15 7.49
CA PHE B 301 -20.69 14.60 8.28
C PHE B 301 -20.48 13.77 9.56
N ASN B 302 -21.54 13.55 10.33
CA ASN B 302 -21.42 12.78 11.56
C ASN B 302 -21.12 11.30 11.36
N LEU B 303 -21.69 10.71 10.31
CA LEU B 303 -21.44 9.30 10.06
C LEU B 303 -19.98 9.13 9.66
N ILE B 304 -19.45 10.09 8.91
CA ILE B 304 -18.05 10.05 8.47
C ILE B 304 -17.11 10.09 9.65
N ALA B 305 -17.26 11.10 10.51
CA ALA B 305 -16.40 11.24 11.68
C ALA B 305 -16.48 10.04 12.61
N LYS B 306 -17.69 9.50 12.78
CA LYS B 306 -17.93 8.37 13.64
C LYS B 306 -17.32 7.08 13.07
N THR B 307 -17.54 6.82 11.78
CA THR B 307 -16.99 5.63 11.17
C THR B 307 -15.47 5.68 11.10
N LYS B 308 -14.90 6.87 10.94
CA LYS B 308 -13.46 7.00 10.90
C LYS B 308 -12.89 6.64 12.26
N THR B 309 -13.58 7.09 13.31
CA THR B 309 -13.13 6.82 14.68
C THR B 309 -13.28 5.34 15.02
N GLU B 310 -14.32 4.72 14.47
CA GLU B 310 -14.55 3.30 14.70
C GLU B 310 -13.44 2.49 14.01
N LEU B 311 -13.01 2.94 12.84
CA LEU B 311 -11.95 2.25 12.11
C LEU B 311 -10.64 2.37 12.89
N GLU B 312 -10.39 3.56 13.44
CA GLU B 312 -9.18 3.76 14.22
C GLU B 312 -9.15 2.83 15.43
N GLU B 313 -10.32 2.55 16.01
CA GLU B 313 -10.40 1.68 17.17
C GLU B 313 -10.34 0.22 16.76
N THR B 314 -11.10 -0.16 15.74
CA THR B 314 -11.11 -1.54 15.25
C THR B 314 -9.67 -1.95 14.90
N GLN B 315 -9.01 -1.11 14.10
CA GLN B 315 -7.65 -1.33 13.65
C GLN B 315 -6.64 -1.40 14.80
N ARG B 316 -6.86 -0.59 15.83
CA ARG B 316 -5.97 -0.55 16.98
C ARG B 316 -6.00 -1.86 17.75
N GLU B 317 -7.20 -2.43 17.89
CA GLU B 317 -7.35 -3.70 18.58
C GLU B 317 -6.87 -4.83 17.67
N LEU B 318 -7.04 -4.63 16.36
CA LEU B 318 -6.62 -5.63 15.40
C LEU B 318 -5.11 -5.84 15.53
N ARG B 319 -4.39 -4.73 15.54
CA ARG B 319 -2.94 -4.77 15.64
C ARG B 319 -2.46 -5.48 16.88
N LYS B 320 -3.14 -5.25 18.00
CA LYS B 320 -2.77 -5.88 19.26
C LYS B 320 -3.01 -7.40 19.21
N GLU B 321 -4.08 -7.82 18.54
CA GLU B 321 -4.39 -9.24 18.44
C GLU B 321 -3.39 -9.96 17.54
N GLU B 322 -2.94 -9.28 16.49
CA GLU B 322 -1.98 -9.88 15.57
C GLU B 322 -0.62 -10.01 16.26
N GLU B 323 -0.27 -9.03 17.08
CA GLU B 323 1.00 -9.04 17.78
C GLU B 323 1.03 -10.17 18.82
N ALA B 324 -0.09 -10.36 19.51
CA ALA B 324 -0.19 -11.43 20.51
C ALA B 324 -0.01 -12.77 19.84
N LYS B 325 -0.35 -12.85 18.55
CA LYS B 325 -0.23 -14.08 17.79
C LYS B 325 1.15 -14.24 17.14
N GLY B 326 2.00 -13.24 17.28
CA GLY B 326 3.33 -13.32 16.70
C GLY B 326 3.40 -13.00 15.23
N ILE B 327 2.44 -12.22 14.75
CA ILE B 327 2.39 -11.85 13.34
C ILE B 327 2.88 -10.42 13.13
N SER B 328 3.77 -10.24 12.15
CA SER B 328 4.26 -8.90 11.83
C SER B 328 3.24 -8.30 10.88
N TRP B 329 2.22 -7.65 11.43
CA TRP B 329 1.21 -7.06 10.58
C TRP B 329 1.77 -5.87 9.80
N GLN B 330 2.71 -5.18 10.41
CA GLN B 330 3.34 -3.99 9.83
C GLN B 330 4.23 -4.31 8.63
N ARG B 331 4.81 -5.51 8.64
CA ARG B 331 5.65 -5.95 7.54
C ARG B 331 5.24 -7.39 7.22
N ARG B 332 3.97 -7.59 6.90
CA ARG B 332 3.45 -8.92 6.63
C ARG B 332 4.10 -9.70 5.49
N TRP B 333 4.11 -9.15 4.27
CA TRP B 333 4.70 -9.88 3.14
C TRP B 333 5.85 -9.16 2.45
N PHE B 334 6.20 -7.99 2.95
CA PHE B 334 7.28 -7.23 2.35
C PHE B 334 8.17 -6.70 3.46
N LYS B 335 9.45 -6.57 3.15
CA LYS B 335 10.42 -6.07 4.09
C LYS B 335 11.14 -4.90 3.44
N ASP B 336 11.57 -3.97 4.26
CA ASP B 336 12.26 -2.78 3.77
C ASP B 336 13.78 -2.93 3.82
N PHE B 337 14.41 -3.05 2.66
CA PHE B 337 15.85 -3.19 2.57
C PHE B 337 16.58 -1.86 2.36
N ASP B 338 17.71 -1.69 3.04
CA ASP B 338 18.51 -0.48 2.94
C ASP B 338 19.50 -0.69 1.80
N TYR B 339 19.43 0.14 0.77
CA TYR B 339 20.34 0.02 -0.37
C TYR B 339 21.41 1.11 -0.40
N SER B 340 21.55 1.87 0.69
CA SER B 340 22.54 2.94 0.73
C SER B 340 23.96 2.40 0.78
N VAL B 341 24.93 3.26 0.45
CA VAL B 341 26.34 2.87 0.45
C VAL B 341 26.79 2.54 1.88
N THR B 342 26.20 3.22 2.85
CA THR B 342 26.50 2.97 4.26
C THR B 342 25.21 2.77 5.06
N PRO B 343 24.67 1.55 5.06
CA PRO B 343 23.44 1.23 5.80
C PRO B 343 23.65 1.29 7.31
N GLU B 344 22.57 1.56 8.05
CA GLU B 344 22.64 1.64 9.50
C GLU B 344 22.68 0.26 10.12
N GLU B 345 23.13 0.17 11.37
CA GLU B 345 23.18 -1.12 12.06
C GLU B 345 21.76 -1.61 12.24
N GLY B 346 21.57 -2.90 12.01
CA GLY B 346 20.26 -3.50 12.17
C GLY B 346 19.41 -3.48 10.92
N ALA B 347 19.68 -2.56 10.01
CA ALA B 347 18.91 -2.46 8.78
C ALA B 347 19.08 -3.68 7.90
N LEU B 348 18.00 -4.07 7.22
CA LEU B 348 18.05 -5.18 6.29
C LEU B 348 18.91 -4.72 5.12
N VAL B 349 19.81 -5.58 4.69
CA VAL B 349 20.72 -5.27 3.59
C VAL B 349 20.49 -6.26 2.44
N PRO B 350 20.62 -5.80 1.19
CA PRO B 350 20.42 -6.69 0.05
C PRO B 350 21.54 -7.70 -0.16
N GLU B 351 21.28 -8.66 -1.04
CA GLU B 351 22.26 -9.69 -1.36
C GLU B 351 23.28 -9.16 -2.33
N LYS B 352 24.18 -10.03 -2.75
CA LYS B 352 25.24 -9.66 -3.70
C LYS B 352 24.65 -9.61 -5.11
N ASP B 353 23.98 -10.69 -5.49
CA ASP B 353 23.37 -10.79 -6.82
C ASP B 353 21.98 -10.16 -6.83
N ASP B 354 21.86 -8.97 -6.26
CA ASP B 354 20.60 -8.25 -6.20
C ASP B 354 20.26 -7.74 -7.60
N THR B 355 19.10 -8.18 -8.11
CA THR B 355 18.66 -7.80 -9.44
C THR B 355 18.52 -6.29 -9.64
N PHE B 356 17.88 -5.63 -8.69
CA PHE B 356 17.71 -4.19 -8.79
C PHE B 356 19.06 -3.49 -8.97
N LEU B 357 20.03 -3.83 -8.12
CA LEU B 357 21.35 -3.20 -8.22
C LEU B 357 22.03 -3.33 -9.57
N LYS B 358 22.02 -4.53 -10.15
CA LYS B 358 22.67 -4.66 -11.44
C LYS B 358 21.87 -4.02 -12.56
N LEU B 359 20.54 -4.12 -12.51
CA LEU B 359 19.72 -3.50 -13.54
C LEU B 359 19.80 -1.99 -13.44
N ALA B 360 19.87 -1.47 -12.22
CA ALA B 360 19.97 -0.02 -12.04
C ALA B 360 21.37 0.45 -12.46
N SER B 361 22.34 -0.45 -12.39
CA SER B 361 23.69 -0.10 -12.76
C SER B 361 23.76 -0.02 -14.27
N ALA B 362 23.12 -0.97 -14.95
CA ALA B 362 23.11 -1.00 -16.41
C ALA B 362 22.37 0.21 -16.99
N LEU B 363 21.37 0.71 -16.26
CA LEU B 363 20.60 1.86 -16.70
C LEU B 363 21.20 3.16 -16.17
N ASN B 364 22.11 3.03 -15.21
CA ASN B 364 22.77 4.17 -14.58
C ASN B 364 21.71 4.95 -13.81
N LEU B 365 20.78 4.20 -13.23
CA LEU B 365 19.67 4.75 -12.47
C LEU B 365 20.00 4.91 -10.99
N SER B 366 19.60 6.03 -10.41
CA SER B 366 19.84 6.28 -8.98
C SER B 366 19.18 5.23 -8.11
N THR B 367 19.92 4.69 -7.15
CA THR B 367 19.38 3.68 -6.26
C THR B 367 18.85 4.32 -4.99
N LYS B 368 18.74 5.65 -4.99
CA LYS B 368 18.23 6.38 -3.85
C LYS B 368 16.70 6.53 -3.90
N ASN B 369 16.15 7.12 -2.84
CA ASN B 369 14.72 7.37 -2.77
C ASN B 369 14.41 8.70 -3.48
N ALA B 370 14.88 8.80 -4.72
CA ALA B 370 14.66 9.99 -5.53
C ALA B 370 13.46 9.72 -6.46
N PRO B 371 12.90 10.77 -7.08
CA PRO B 371 11.76 10.53 -7.98
C PRO B 371 12.05 9.40 -8.97
N SER B 372 11.00 8.67 -9.34
CA SER B 372 11.17 7.58 -10.27
C SER B 372 11.88 8.03 -11.56
N GLY B 373 12.85 7.25 -12.00
CA GLY B 373 13.56 7.59 -13.23
C GLY B 373 14.79 8.47 -13.05
N THR B 374 15.04 8.92 -11.83
CA THR B 374 16.19 9.76 -11.56
C THR B 374 17.49 9.00 -11.87
N LEU B 375 18.34 9.63 -12.68
CA LEU B 375 19.60 9.01 -13.05
C LEU B 375 20.72 9.40 -12.10
N VAL B 376 21.79 8.61 -12.13
CA VAL B 376 22.95 8.89 -11.29
C VAL B 376 23.52 10.24 -11.73
N GLY B 377 23.80 11.11 -10.76
CA GLY B 377 24.35 12.40 -11.11
C GLY B 377 23.32 13.51 -11.15
N ASP B 378 22.04 13.14 -11.28
CA ASP B 378 20.97 14.13 -11.31
C ASP B 378 20.91 14.90 -10.00
N LYS B 379 20.34 16.10 -10.06
CA LYS B 379 20.20 16.97 -8.90
C LYS B 379 19.77 16.15 -7.67
N GLU B 380 18.61 15.50 -7.79
CA GLU B 380 18.06 14.68 -6.70
C GLU B 380 19.04 13.63 -6.17
N ASP B 381 19.64 12.86 -7.06
CA ASP B 381 20.59 11.83 -6.68
C ASP B 381 21.80 12.40 -5.94
N ARG B 382 22.15 13.65 -6.21
CA ARG B 382 23.29 14.27 -5.55
C ARG B 382 22.97 14.77 -4.14
N LYS B 383 21.70 14.70 -3.76
CA LYS B 383 21.28 15.13 -2.43
C LYS B 383 21.85 14.14 -1.40
N GLU B 384 22.88 14.57 -0.69
CA GLU B 384 23.59 13.78 0.32
C GLU B 384 22.75 12.91 1.27
N ASP B 385 22.04 13.58 2.17
CA ASP B 385 21.19 12.96 3.18
C ASP B 385 20.04 12.06 2.70
N LEU B 386 19.89 11.89 1.39
CA LEU B 386 18.79 11.09 0.86
C LEU B 386 18.93 9.59 1.15
N SER B 387 17.86 9.00 1.68
CA SER B 387 17.87 7.57 1.99
C SER B 387 17.67 6.69 0.75
N SER B 388 17.88 5.39 0.92
CA SER B 388 17.74 4.44 -0.17
C SER B 388 17.02 3.18 0.31
N ILE B 389 15.81 3.37 0.85
CA ILE B 389 15.01 2.25 1.35
C ILE B 389 14.02 1.73 0.31
N HIS B 390 14.09 0.43 0.03
CA HIS B 390 13.21 -0.17 -0.96
C HIS B 390 12.50 -1.42 -0.45
N TRP B 391 11.19 -1.48 -0.70
CA TRP B 391 10.37 -2.60 -0.25
C TRP B 391 10.46 -3.78 -1.20
N ARG B 392 10.60 -4.96 -0.63
CA ARG B 392 10.73 -6.18 -1.42
C ARG B 392 9.81 -7.28 -0.97
N PHE B 393 9.21 -7.97 -1.93
CA PHE B 393 8.30 -9.06 -1.65
C PHE B 393 9.10 -10.30 -1.19
N GLN B 394 8.57 -11.00 -0.19
CA GLN B 394 9.21 -12.21 0.33
C GLN B 394 8.16 -13.30 0.11
N ARG B 395 8.25 -14.02 -1.00
CA ARG B 395 7.28 -15.07 -1.29
C ARG B 395 7.05 -16.04 -0.13
N GLU B 396 8.09 -16.27 0.66
CA GLU B 396 8.00 -17.18 1.79
C GLU B 396 6.99 -16.67 2.82
N LEU B 397 6.97 -15.36 3.05
CA LEU B 397 6.03 -14.81 4.02
C LEU B 397 4.58 -15.06 3.60
N TRP B 398 4.34 -15.09 2.29
CA TRP B 398 2.99 -15.36 1.81
C TRP B 398 2.73 -16.86 1.89
N ASP B 399 3.71 -17.68 1.55
CA ASP B 399 3.53 -19.13 1.63
C ASP B 399 3.15 -19.59 3.03
N GLU B 400 3.61 -18.88 4.05
CA GLU B 400 3.28 -19.27 5.42
C GLU B 400 2.22 -18.39 6.06
N GLU B 401 1.46 -17.66 5.23
CA GLU B 401 0.36 -16.81 5.71
C GLU B 401 -0.74 -17.75 6.23
N LYS B 402 -1.17 -17.54 7.47
CA LYS B 402 -2.18 -18.40 8.06
C LYS B 402 -3.58 -17.82 8.15
N GLU B 403 -3.70 -16.50 8.03
CA GLU B 403 -5.01 -15.87 8.16
C GLU B 403 -5.70 -15.41 6.88
N ILE B 404 -4.94 -14.76 6.00
CA ILE B 404 -5.48 -14.24 4.74
C ILE B 404 -5.51 -15.28 3.62
N VAL B 405 -6.65 -15.39 2.94
CA VAL B 405 -6.79 -16.31 1.81
C VAL B 405 -7.26 -15.53 0.58
N LEU B 406 -7.15 -16.14 -0.60
CA LEU B 406 -7.57 -15.50 -1.85
C LEU B 406 -9.04 -15.83 -2.18
N LEU C 9 -6.99 -28.16 41.08
CA LEU C 9 -7.98 -28.09 39.95
C LEU C 9 -7.40 -27.66 38.60
N SER C 10 -7.36 -28.59 37.64
CA SER C 10 -6.84 -28.29 36.31
C SER C 10 -7.81 -28.69 35.21
N PRO C 11 -8.69 -27.77 34.79
CA PRO C 11 -9.65 -28.11 33.74
C PRO C 11 -8.89 -28.47 32.46
N ILE C 12 -9.26 -29.59 31.86
CA ILE C 12 -8.58 -30.07 30.68
C ILE C 12 -9.53 -30.80 29.73
N SER C 13 -9.45 -30.46 28.45
CA SER C 13 -10.30 -31.06 27.43
C SER C 13 -9.91 -32.50 27.15
N LEU C 14 -10.91 -33.35 26.90
CA LEU C 14 -10.63 -34.74 26.60
C LEU C 14 -9.81 -34.90 25.32
N THR C 15 -9.76 -33.87 24.47
CA THR C 15 -8.97 -33.95 23.25
C THR C 15 -7.49 -34.10 23.59
N GLU C 16 -7.10 -33.61 24.75
CA GLU C 16 -5.73 -33.69 25.21
C GLU C 16 -5.33 -35.09 25.67
N PHE C 17 -6.33 -35.90 26.01
CA PHE C 17 -6.06 -37.26 26.51
C PHE C 17 -5.37 -38.16 25.49
N SER C 18 -5.42 -37.76 24.24
CA SER C 18 -4.76 -38.52 23.19
C SER C 18 -3.24 -38.60 23.42
N GLN C 19 -2.69 -37.61 24.13
CA GLN C 19 -1.25 -37.60 24.35
C GLN C 19 -0.77 -38.70 25.31
N TYR C 20 -1.68 -39.27 26.09
CA TYR C 20 -1.28 -40.33 27.00
C TYR C 20 -0.90 -41.63 26.31
N TRP C 21 -0.95 -41.63 24.97
CA TRP C 21 -0.57 -42.84 24.23
C TRP C 21 0.92 -42.87 23.93
N ALA C 22 1.66 -41.84 24.34
CA ALA C 22 3.09 -41.82 24.04
C ALA C 22 3.91 -40.89 24.94
N GLU C 23 3.58 -40.85 26.23
CA GLU C 23 4.34 -40.00 27.13
C GLU C 23 5.70 -40.56 27.51
N HIS C 24 6.05 -41.69 26.90
CA HIS C 24 7.36 -42.33 27.10
C HIS C 24 7.84 -42.58 25.69
N PRO C 25 8.44 -41.57 25.07
CA PRO C 25 8.97 -41.59 23.70
C PRO C 25 9.80 -42.81 23.33
N GLU C 26 10.70 -43.23 24.22
CA GLU C 26 11.55 -44.38 23.91
C GLU C 26 10.75 -45.68 23.85
N LEU C 27 9.72 -45.81 24.69
CA LEU C 27 8.91 -47.03 24.67
C LEU C 27 8.08 -47.10 23.38
N PHE C 28 7.64 -45.94 22.92
CA PHE C 28 6.83 -45.85 21.70
C PHE C 28 7.64 -46.24 20.45
N LEU C 29 8.89 -45.75 20.38
CA LEU C 29 9.74 -46.02 19.22
C LEU C 29 10.53 -47.34 19.27
N GLU C 30 10.76 -47.87 20.47
CA GLU C 30 11.53 -49.11 20.63
C GLU C 30 11.27 -50.22 19.61
N PRO C 31 10.01 -50.59 19.36
CA PRO C 31 9.78 -51.66 18.38
C PRO C 31 10.45 -51.44 17.01
N SER C 32 10.55 -50.18 16.57
CA SER C 32 11.15 -49.92 15.26
C SER C 32 12.68 -50.09 15.24
N PHE C 33 13.27 -50.34 16.41
CA PHE C 33 14.71 -50.51 16.49
C PHE C 33 15.10 -51.98 16.56
N ILE C 34 14.10 -52.85 16.49
CA ILE C 34 14.32 -54.29 16.57
C ILE C 34 14.25 -54.98 15.21
N ASN C 35 15.37 -55.58 14.81
CA ASN C 35 15.47 -56.29 13.53
C ASN C 35 16.07 -57.70 13.70
N ASP C 36 16.20 -58.42 12.58
CA ASP C 36 16.75 -59.77 12.58
C ASP C 36 18.19 -59.84 13.08
N ASP C 37 18.94 -58.77 12.84
CA ASP C 37 20.35 -58.73 13.23
C ASP C 37 20.68 -58.28 14.66
N ASN C 38 19.69 -57.85 15.44
CA ASN C 38 19.97 -57.41 16.81
C ASN C 38 18.85 -57.69 17.81
N TYR C 39 17.83 -58.41 17.40
CA TYR C 39 16.70 -58.63 18.30
C TYR C 39 16.96 -59.23 19.68
N LYS C 40 18.00 -60.06 19.81
CA LYS C 40 18.27 -60.65 21.11
C LYS C 40 18.89 -59.65 22.09
N GLU C 41 19.33 -58.51 21.57
CA GLU C 41 19.93 -57.47 22.41
C GLU C 41 18.88 -56.42 22.79
N HIS C 42 17.66 -56.62 22.30
CA HIS C 42 16.54 -55.71 22.56
C HIS C 42 15.39 -56.46 23.22
N CYS C 43 15.68 -57.15 24.31
CA CYS C 43 14.65 -57.91 25.02
C CYS C 43 15.20 -58.23 26.40
N LEU C 44 15.29 -57.19 27.23
CA LEU C 44 15.82 -57.32 28.58
C LEU C 44 15.24 -58.45 29.40
N ILE C 45 13.98 -58.79 29.20
CA ILE C 45 13.40 -59.87 29.98
C ILE C 45 13.69 -61.25 29.40
N ASP C 46 14.30 -61.30 28.21
CA ASP C 46 14.62 -62.57 27.60
C ASP C 46 15.64 -62.49 26.46
N PRO C 47 16.95 -62.55 26.79
CA PRO C 47 17.99 -62.48 25.76
C PRO C 47 17.93 -63.69 24.82
N GLU C 48 17.15 -64.68 25.20
CA GLU C 48 16.99 -65.87 24.39
C GLU C 48 15.60 -65.91 23.79
N VAL C 49 15.10 -64.76 23.37
CA VAL C 49 13.77 -64.70 22.79
C VAL C 49 13.79 -65.37 21.42
N GLU C 50 12.77 -66.19 21.17
CA GLU C 50 12.59 -66.97 19.96
C GLU C 50 12.72 -66.26 18.60
N SER C 51 12.23 -65.02 18.51
CA SER C 51 12.28 -64.29 17.24
C SER C 51 12.15 -62.76 17.38
N PRO C 52 12.43 -62.03 16.29
CA PRO C 52 12.31 -60.57 16.34
C PRO C 52 10.85 -60.15 16.45
N GLU C 53 9.96 -60.91 15.81
CA GLU C 53 8.52 -60.63 15.89
C GLU C 53 8.10 -60.68 17.35
N LEU C 54 8.60 -61.69 18.05
CA LEU C 54 8.25 -61.88 19.45
C LEU C 54 8.87 -60.79 20.33
N ALA C 55 10.08 -60.36 19.98
CA ALA C 55 10.73 -59.32 20.75
C ALA C 55 9.93 -58.03 20.61
N ARG C 56 9.46 -57.74 19.40
CA ARG C 56 8.69 -56.53 19.17
C ARG C 56 7.32 -56.58 19.85
N MET C 57 6.70 -57.76 19.90
CA MET C 57 5.41 -57.91 20.59
C MET C 57 5.58 -57.57 22.07
N LEU C 58 6.71 -57.99 22.65
CA LEU C 58 6.99 -57.71 24.05
C LEU C 58 7.18 -56.21 24.24
N ALA C 59 7.94 -55.59 23.34
CA ALA C 59 8.17 -54.15 23.42
C ALA C 59 6.84 -53.41 23.33
N VAL C 60 5.98 -53.81 22.38
CA VAL C 60 4.66 -53.20 22.20
C VAL C 60 3.78 -53.42 23.44
N THR C 61 3.87 -54.59 24.05
CA THR C 61 3.08 -54.86 25.24
C THR C 61 3.56 -53.98 26.39
N LYS C 62 4.88 -53.76 26.46
CA LYS C 62 5.44 -52.93 27.51
C LYS C 62 4.97 -51.50 27.26
N TRP C 63 5.05 -51.07 26.01
CA TRP C 63 4.61 -49.73 25.63
C TRP C 63 3.16 -49.52 26.05
N PHE C 64 2.29 -50.44 25.65
CA PHE C 64 0.88 -50.34 25.99
C PHE C 64 0.65 -50.18 27.49
N ILE C 65 1.27 -51.05 28.29
CA ILE C 65 1.15 -51.00 29.74
C ILE C 65 1.64 -49.66 30.29
N SER C 66 2.68 -49.10 29.68
CA SER C 66 3.22 -47.83 30.15
C SER C 66 2.25 -46.66 29.97
N THR C 67 1.27 -46.82 29.08
CA THR C 67 0.32 -45.73 28.83
C THR C 67 -0.79 -45.68 29.87
N LEU C 68 -1.07 -46.82 30.49
CA LEU C 68 -2.15 -46.90 31.46
C LEU C 68 -2.11 -45.88 32.61
N LYS C 69 -0.92 -45.66 33.18
CA LYS C 69 -0.78 -44.72 34.28
C LYS C 69 -1.10 -43.29 33.85
N SER C 70 -0.78 -42.96 32.59
CA SER C 70 -1.06 -41.62 32.10
C SER C 70 -2.55 -41.49 31.78
N GLN C 71 -3.12 -42.55 31.21
CA GLN C 71 -4.52 -42.59 30.82
C GLN C 71 -5.54 -42.53 31.93
N TYR C 72 -5.32 -43.26 33.02
CA TYR C 72 -6.30 -43.31 34.10
C TYR C 72 -5.93 -42.73 35.45
N CYS C 73 -4.66 -42.47 35.71
CA CYS C 73 -4.31 -41.89 37.00
C CYS C 73 -4.36 -40.37 36.89
N SER C 74 -5.58 -39.85 36.81
CA SER C 74 -5.87 -38.42 36.69
C SER C 74 -5.03 -37.52 37.60
N ARG C 75 -3.87 -37.11 37.10
CA ARG C 75 -2.92 -36.25 37.81
C ARG C 75 -3.16 -36.06 39.30
N ASN C 76 -2.84 -37.10 40.06
CA ASN C 76 -2.99 -37.08 41.51
C ASN C 76 -1.59 -37.19 42.12
N GLU C 77 -1.33 -36.38 43.16
CA GLU C 77 -0.02 -36.37 43.81
C GLU C 77 0.95 -35.73 42.82
N SER C 78 0.53 -35.71 41.55
CA SER C 78 1.30 -35.14 40.46
C SER C 78 1.02 -33.64 40.42
N LEU C 79 1.63 -32.90 41.35
CA LEU C 79 1.45 -31.46 41.47
C LEU C 79 0.15 -31.15 42.22
N GLY C 80 -0.56 -32.21 42.62
CA GLY C 80 -1.82 -32.04 43.34
C GLY C 80 -2.83 -31.32 42.46
N SER C 81 -2.81 -31.67 41.17
CA SER C 81 -3.68 -31.05 40.18
C SER C 81 -5.14 -31.51 40.14
N GLU C 82 -5.36 -32.82 40.22
CA GLU C 82 -6.72 -33.38 40.12
C GLU C 82 -7.47 -32.80 38.92
N LYS C 83 -7.22 -33.41 37.75
CA LYS C 83 -7.83 -33.01 36.48
C LYS C 83 -9.33 -32.88 36.54
N LYS C 84 -9.87 -32.02 35.69
CA LYS C 84 -11.30 -31.78 35.60
C LYS C 84 -11.61 -31.82 34.10
N PRO C 85 -12.01 -33.01 33.58
CA PRO C 85 -12.34 -33.24 32.17
C PRO C 85 -13.43 -32.35 31.59
N LEU C 86 -13.19 -31.87 30.37
CA LEU C 86 -14.15 -31.05 29.68
C LEU C 86 -14.56 -31.79 28.42
N ASN C 87 -15.88 -31.84 28.17
CA ASN C 87 -16.45 -32.50 27.01
C ASN C 87 -16.12 -31.57 25.82
N PRO C 88 -15.26 -32.04 24.89
CA PRO C 88 -14.84 -31.27 23.71
C PRO C 88 -15.94 -30.85 22.75
N PHE C 89 -15.76 -29.72 22.09
CA PHE C 89 -16.73 -29.27 21.11
C PHE C 89 -16.35 -29.80 19.75
N LEU C 90 -17.34 -30.02 18.90
CA LEU C 90 -17.08 -30.52 17.58
C LEU C 90 -16.11 -29.59 16.85
N GLY C 91 -15.09 -30.18 16.21
CA GLY C 91 -14.10 -29.40 15.49
C GLY C 91 -12.89 -29.02 16.33
N GLU C 92 -12.94 -29.28 17.63
CA GLU C 92 -11.83 -28.93 18.50
C GLU C 92 -10.56 -29.67 18.10
N LEU C 93 -9.44 -28.97 18.21
CA LEU C 93 -8.16 -29.56 17.85
C LEU C 93 -7.12 -29.44 18.96
N PHE C 94 -6.21 -30.41 19.00
CA PHE C 94 -5.12 -30.40 19.96
C PHE C 94 -3.92 -30.98 19.22
N VAL C 95 -2.86 -30.18 19.11
CA VAL C 95 -1.68 -30.65 18.41
C VAL C 95 -0.43 -30.27 19.20
N GLY C 96 0.63 -31.02 18.95
CA GLY C 96 1.90 -30.76 19.62
C GLY C 96 2.92 -31.79 19.19
N LYS C 97 4.06 -31.80 19.85
CA LYS C 97 5.09 -32.76 19.50
C LYS C 97 6.07 -33.03 20.63
N TRP C 98 6.71 -34.19 20.53
CA TRP C 98 7.75 -34.56 21.47
C TRP C 98 8.97 -34.33 20.56
N GLU C 99 9.77 -33.32 20.89
CA GLU C 99 10.92 -33.02 20.05
C GLU C 99 12.05 -34.04 20.17
N ASN C 100 12.17 -34.67 21.32
CA ASN C 100 13.21 -35.68 21.57
C ASN C 100 14.58 -35.11 21.20
N LYS C 101 14.93 -33.99 21.81
CA LYS C 101 16.20 -33.34 21.55
C LYS C 101 17.42 -34.12 22.05
N GLU C 102 17.24 -34.89 23.13
CA GLU C 102 18.34 -35.67 23.68
C GLU C 102 18.58 -36.99 22.96
N HIS C 103 17.70 -37.34 22.03
CA HIS C 103 17.87 -38.59 21.31
C HIS C 103 17.68 -38.40 19.81
N PRO C 104 18.64 -37.75 19.15
CA PRO C 104 18.59 -37.48 17.71
C PRO C 104 18.21 -38.65 16.81
N GLU C 105 18.37 -39.88 17.29
CA GLU C 105 18.01 -41.03 16.47
C GLU C 105 16.50 -41.30 16.58
N PHE C 106 15.87 -40.67 17.57
CA PHE C 106 14.43 -40.79 17.78
C PHE C 106 13.72 -39.99 16.70
N GLY C 107 14.04 -38.71 16.64
CA GLY C 107 13.40 -37.86 15.66
C GLY C 107 12.18 -37.27 16.31
N GLU C 108 11.57 -36.31 15.64
CA GLU C 108 10.39 -35.63 16.13
C GLU C 108 9.12 -36.50 16.08
N THR C 109 8.33 -36.47 17.16
CA THR C 109 7.10 -37.25 17.16
C THR C 109 5.91 -36.28 17.28
N VAL C 110 5.04 -36.35 16.27
CA VAL C 110 3.87 -35.50 16.19
C VAL C 110 2.58 -36.11 16.73
N LEU C 111 1.78 -35.27 17.37
CA LEU C 111 0.48 -35.66 17.91
C LEU C 111 -0.58 -34.75 17.29
N LEU C 112 -1.63 -35.36 16.75
CA LEU C 112 -2.76 -34.63 16.17
C LEU C 112 -4.02 -35.23 16.79
N SER C 113 -4.83 -34.37 17.37
CA SER C 113 -6.07 -34.83 18.01
C SER C 113 -7.23 -33.91 17.61
N GLU C 114 -8.35 -34.52 17.25
CA GLU C 114 -9.52 -33.77 16.82
C GLU C 114 -10.82 -34.40 17.32
N GLN C 115 -11.74 -33.54 17.79
CA GLN C 115 -13.02 -34.02 18.25
C GLN C 115 -13.87 -34.17 16.98
N VAL C 116 -14.03 -35.41 16.50
CA VAL C 116 -14.78 -35.66 15.27
C VAL C 116 -16.29 -35.79 15.46
N SER C 117 -16.73 -35.87 16.70
CA SER C 117 -18.16 -35.97 16.99
C SER C 117 -18.46 -35.48 18.40
N HIS C 118 -19.61 -34.83 18.54
CA HIS C 118 -20.04 -34.30 19.82
C HIS C 118 -21.18 -35.19 20.36
N HIS C 119 -22.02 -35.65 19.46
CA HIS C 119 -23.13 -36.52 19.80
C HIS C 119 -23.12 -37.72 18.87
N PRO C 120 -22.50 -38.84 19.31
CA PRO C 120 -21.83 -39.01 20.61
C PRO C 120 -20.42 -38.40 20.62
N PRO C 121 -19.81 -38.24 21.80
CA PRO C 121 -18.45 -37.67 21.96
C PRO C 121 -17.36 -38.59 21.45
N VAL C 122 -16.73 -38.23 20.35
CA VAL C 122 -15.66 -39.06 19.80
C VAL C 122 -14.43 -38.22 19.50
N THR C 123 -13.30 -38.69 20.02
CA THR C 123 -12.01 -38.02 19.81
C THR C 123 -11.16 -38.91 18.90
N ALA C 124 -10.67 -38.35 17.81
CA ALA C 124 -9.81 -39.10 16.89
C ALA C 124 -8.41 -38.52 17.03
N PHE C 125 -7.39 -39.36 16.88
CA PHE C 125 -6.02 -38.90 17.04
C PHE C 125 -5.02 -39.73 16.28
N SER C 126 -3.85 -39.15 16.06
CA SER C 126 -2.78 -39.84 15.40
C SER C 126 -1.48 -39.37 15.99
N ILE C 127 -0.57 -40.32 16.19
CA ILE C 127 0.75 -40.03 16.71
C ILE C 127 1.70 -40.69 15.74
N PHE C 128 2.55 -39.90 15.10
CA PHE C 128 3.48 -40.46 14.13
C PHE C 128 4.89 -39.90 14.19
N ASN C 129 5.84 -40.79 13.94
CA ASN C 129 7.26 -40.49 13.93
C ASN C 129 7.71 -40.93 12.52
N ASP C 130 7.96 -39.95 11.67
CA ASP C 130 8.37 -40.24 10.30
C ASP C 130 9.76 -40.83 10.15
N LYS C 131 10.69 -40.36 10.96
CA LYS C 131 12.06 -40.85 10.88
C LYS C 131 12.17 -42.35 11.03
N ASN C 132 11.44 -42.92 11.99
CA ASN C 132 11.50 -44.35 12.23
C ASN C 132 10.29 -45.12 11.73
N LYS C 133 9.44 -44.44 10.98
CA LYS C 133 8.25 -45.07 10.41
C LYS C 133 7.39 -45.78 11.45
N VAL C 134 7.11 -45.09 12.56
CA VAL C 134 6.26 -45.61 13.62
C VAL C 134 5.02 -44.70 13.66
N LYS C 135 3.84 -45.27 13.50
CA LYS C 135 2.65 -44.44 13.52
C LYS C 135 1.46 -45.10 14.20
N LEU C 136 0.72 -44.26 14.92
CA LEU C 136 -0.42 -44.70 15.69
C LEU C 136 -1.61 -43.84 15.32
N GLN C 137 -2.76 -44.47 15.20
CA GLN C 137 -3.98 -43.74 14.87
C GLN C 137 -5.11 -44.49 15.55
N GLY C 138 -6.10 -43.75 16.00
CA GLY C 138 -7.23 -44.38 16.65
C GLY C 138 -8.27 -43.35 17.02
N TYR C 139 -9.29 -43.79 17.73
CA TYR C 139 -10.32 -42.88 18.17
C TYR C 139 -10.91 -43.48 19.43
N ASN C 140 -11.40 -42.62 20.30
CA ASN C 140 -11.94 -43.02 21.57
C ASN C 140 -13.34 -42.44 21.76
N GLN C 141 -14.19 -43.18 22.46
CA GLN C 141 -15.54 -42.75 22.75
C GLN C 141 -15.96 -43.32 24.10
N ILE C 142 -16.46 -42.47 24.99
CA ILE C 142 -16.87 -42.93 26.31
C ILE C 142 -18.35 -42.67 26.63
N LYS C 143 -18.86 -43.45 27.59
CA LYS C 143 -20.24 -43.36 28.08
C LYS C 143 -20.15 -43.52 29.59
N ALA C 144 -20.35 -42.43 30.31
CA ALA C 144 -20.27 -42.47 31.77
C ALA C 144 -21.63 -42.56 32.46
N SER C 145 -21.64 -43.14 33.66
CA SER C 145 -22.84 -43.28 34.47
C SER C 145 -22.44 -43.58 35.91
N PHE C 146 -23.34 -43.33 36.86
CA PHE C 146 -23.03 -43.57 38.26
C PHE C 146 -23.46 -44.93 38.78
N THR C 147 -22.73 -45.42 39.79
CA THR C 147 -23.02 -46.69 40.44
C THR C 147 -23.89 -46.39 41.65
N LYS C 148 -24.52 -47.42 42.20
CA LYS C 148 -25.37 -47.25 43.37
C LYS C 148 -24.53 -46.70 44.52
N SER C 149 -23.29 -47.17 44.61
CA SER C 149 -22.37 -46.71 45.66
C SER C 149 -21.79 -45.33 45.33
N LEU C 150 -22.24 -44.78 44.19
CA LEU C 150 -21.82 -43.46 43.73
C LEU C 150 -20.40 -43.34 43.16
N MET C 151 -19.96 -44.36 42.44
CA MET C 151 -18.65 -44.32 41.81
C MET C 151 -18.98 -44.02 40.35
N LEU C 152 -17.99 -43.62 39.57
CA LEU C 152 -18.23 -43.32 38.17
C LEU C 152 -17.85 -44.52 37.30
N THR C 153 -18.76 -44.92 36.42
CA THR C 153 -18.51 -46.04 35.51
C THR C 153 -18.42 -45.51 34.08
N VAL C 154 -17.23 -45.59 33.50
CA VAL C 154 -17.01 -45.12 32.15
C VAL C 154 -16.80 -46.32 31.23
N LYS C 155 -17.62 -46.42 30.19
CA LYS C 155 -17.51 -47.50 29.22
C LYS C 155 -16.79 -46.96 27.98
N GLN C 156 -15.89 -47.76 27.40
CA GLN C 156 -15.15 -47.31 26.23
C GLN C 156 -15.47 -48.02 24.93
N PHE C 157 -15.42 -47.25 23.85
CA PHE C 157 -15.66 -47.75 22.51
C PHE C 157 -14.47 -47.28 21.69
N GLY C 158 -14.14 -48.01 20.64
CA GLY C 158 -13.02 -47.60 19.83
C GLY C 158 -11.83 -48.51 19.95
N HIS C 159 -10.85 -48.28 19.09
CA HIS C 159 -9.64 -49.07 19.06
C HIS C 159 -8.52 -48.21 18.51
N THR C 160 -7.31 -48.75 18.49
CA THR C 160 -6.16 -48.02 18.00
C THR C 160 -5.30 -48.93 17.14
N MET C 161 -4.64 -48.37 16.14
CA MET C 161 -3.79 -49.15 15.27
C MET C 161 -2.37 -48.64 15.29
N LEU C 162 -1.45 -49.53 15.65
CA LEU C 162 -0.04 -49.21 15.72
C LEU C 162 0.70 -49.83 14.55
N ASP C 163 1.42 -49.00 13.79
CA ASP C 163 2.22 -49.47 12.66
C ASP C 163 3.69 -49.24 12.96
N ILE C 164 4.45 -50.34 12.98
CA ILE C 164 5.89 -50.26 13.19
C ILE C 164 6.44 -50.68 11.84
N LYS C 165 6.83 -49.72 11.03
CA LYS C 165 7.31 -50.01 9.69
C LYS C 165 6.23 -50.83 9.01
N ASP C 166 6.54 -52.02 8.50
CA ASP C 166 5.51 -52.82 7.81
C ASP C 166 4.70 -53.76 8.70
N GLU C 167 4.96 -53.73 10.01
CA GLU C 167 4.26 -54.61 10.93
C GLU C 167 3.08 -53.89 11.60
N SER C 168 1.98 -54.60 11.81
CA SER C 168 0.82 -53.98 12.42
C SER C 168 0.31 -54.59 13.70
N TYR C 169 -0.26 -53.73 14.53
CA TYR C 169 -0.83 -54.13 15.80
C TYR C 169 -2.15 -53.40 16.03
N LEU C 170 -3.17 -54.16 16.40
CA LEU C 170 -4.48 -53.61 16.70
C LEU C 170 -4.55 -53.60 18.24
N VAL C 171 -4.79 -52.44 18.81
CA VAL C 171 -4.89 -52.34 20.27
C VAL C 171 -6.27 -51.86 20.67
N THR C 172 -6.89 -52.56 21.62
CA THR C 172 -8.20 -52.19 22.11
C THR C 172 -8.09 -51.79 23.58
N PRO C 173 -8.48 -50.56 23.90
CA PRO C 173 -8.42 -50.05 25.27
C PRO C 173 -9.34 -50.81 26.20
N PRO C 174 -9.09 -50.75 27.51
CA PRO C 174 -9.95 -51.47 28.45
C PRO C 174 -11.39 -51.02 28.25
N PRO C 175 -12.33 -51.97 28.21
CA PRO C 175 -13.77 -51.71 28.03
C PRO C 175 -14.47 -50.91 29.13
N LEU C 176 -13.96 -51.03 30.36
CA LEU C 176 -14.55 -50.33 31.50
C LEU C 176 -13.51 -49.75 32.43
N HIS C 177 -13.86 -48.67 33.10
CA HIS C 177 -12.98 -48.10 34.08
C HIS C 177 -13.85 -47.34 35.07
N ILE C 178 -13.55 -47.54 36.35
CA ILE C 178 -14.32 -46.95 37.43
C ILE C 178 -13.51 -46.00 38.29
N GLU C 179 -14.07 -44.82 38.57
CA GLU C 179 -13.40 -43.82 39.38
C GLU C 179 -14.06 -43.67 40.75
N GLY C 180 -13.29 -43.24 41.73
CA GLY C 180 -13.80 -43.08 43.09
C GLY C 180 -14.81 -41.96 43.28
N ILE C 181 -14.48 -40.76 42.79
CA ILE C 181 -15.35 -39.60 42.93
C ILE C 181 -15.34 -39.06 44.36
N LEU C 182 -15.97 -39.80 45.28
CA LEU C 182 -16.02 -39.40 46.67
C LEU C 182 -14.63 -39.45 47.30
N VAL C 183 -14.14 -38.29 47.73
CA VAL C 183 -12.82 -38.18 48.34
C VAL C 183 -12.66 -38.99 49.63
N ALA C 184 -12.49 -40.30 49.47
CA ALA C 184 -12.28 -41.20 50.59
C ALA C 184 -11.00 -41.96 50.29
N SER C 185 -10.57 -41.83 49.03
CA SER C 185 -9.36 -42.44 48.50
C SER C 185 -9.47 -42.40 46.97
N PRO C 186 -9.40 -41.19 46.37
CA PRO C 186 -9.49 -41.01 44.91
C PRO C 186 -8.82 -42.12 44.11
N PHE C 187 -9.61 -43.14 43.79
CA PHE C 187 -9.12 -44.30 43.06
C PHE C 187 -9.74 -44.49 41.68
N VAL C 188 -8.98 -45.16 40.83
CA VAL C 188 -9.42 -45.48 39.48
C VAL C 188 -9.13 -46.97 39.33
N GLU C 189 -9.98 -47.67 38.59
CA GLU C 189 -9.78 -49.09 38.40
C GLU C 189 -10.25 -49.52 37.02
N LEU C 190 -9.56 -50.47 36.41
CA LEU C 190 -9.90 -50.95 35.08
C LEU C 190 -10.56 -52.32 35.15
N GLU C 191 -11.40 -52.63 34.18
CA GLU C 191 -12.09 -53.91 34.17
C GLU C 191 -12.26 -54.45 32.75
N GLY C 192 -12.16 -55.76 32.59
CA GLY C 192 -12.33 -56.35 31.29
C GLY C 192 -11.03 -56.72 30.62
N LYS C 193 -11.10 -56.99 29.32
CA LYS C 193 -9.93 -57.38 28.56
C LYS C 193 -9.52 -56.43 27.46
N SER C 194 -8.20 -56.31 27.29
CA SER C 194 -7.60 -55.48 26.25
C SER C 194 -6.80 -56.45 25.39
N TYR C 195 -6.76 -56.20 24.09
CA TYR C 195 -6.01 -57.07 23.20
C TYR C 195 -5.01 -56.29 22.38
N ILE C 196 -3.99 -57.00 21.94
CA ILE C 196 -2.97 -56.46 21.07
C ILE C 196 -2.79 -57.56 20.03
N GLN C 197 -3.54 -57.46 18.94
CA GLN C 197 -3.46 -58.44 17.87
C GLN C 197 -2.48 -57.93 16.82
N SER C 198 -1.45 -58.71 16.56
CA SER C 198 -0.42 -58.34 15.58
C SER C 198 -0.61 -59.04 14.25
N SER C 199 -0.10 -58.42 13.19
CA SER C 199 -0.20 -58.98 11.86
C SER C 199 0.72 -60.20 11.74
N THR C 200 1.57 -60.40 12.74
CA THR C 200 2.49 -61.53 12.75
C THR C 200 1.77 -62.75 13.27
N GLY C 201 0.54 -62.56 13.74
CA GLY C 201 -0.22 -63.68 14.27
C GLY C 201 -0.20 -63.70 15.78
N LEU C 202 0.82 -63.08 16.37
CA LEU C 202 0.96 -63.02 17.83
C LEU C 202 -0.16 -62.20 18.45
N LEU C 203 -0.68 -62.68 19.58
CA LEU C 203 -1.77 -62.02 20.28
C LEU C 203 -1.48 -61.88 21.77
N CYS C 204 -1.81 -60.72 22.34
CA CYS C 204 -1.61 -60.50 23.76
C CYS C 204 -2.99 -60.17 24.34
N VAL C 205 -3.31 -60.83 25.46
CA VAL C 205 -4.59 -60.64 26.13
C VAL C 205 -4.29 -60.07 27.50
N ILE C 206 -4.78 -58.85 27.77
CA ILE C 206 -4.55 -58.21 29.06
C ILE C 206 -5.84 -58.19 29.87
N GLU C 207 -5.80 -58.80 31.05
CA GLU C 207 -6.96 -58.86 31.92
C GLU C 207 -6.88 -57.99 33.17
N PHE C 208 -7.87 -57.12 33.33
CA PHE C 208 -7.93 -56.26 34.51
C PHE C 208 -9.06 -56.84 35.32
N SER C 209 -9.01 -56.72 36.64
CA SER C 209 -10.10 -57.29 37.44
C SER C 209 -10.91 -56.33 38.29
N GLY C 210 -11.33 -55.23 37.68
CA GLY C 210 -12.16 -54.24 38.34
C GLY C 210 -11.93 -53.99 39.83
N VAL C 211 -13.01 -53.64 40.51
CA VAL C 211 -12.99 -53.35 41.94
C VAL C 211 -12.83 -54.60 42.81
N ASP C 212 -12.45 -55.72 42.19
CA ASP C 212 -12.24 -56.98 42.90
C ASP C 212 -10.84 -57.50 42.70
N GLY C 213 -10.09 -57.62 43.80
CA GLY C 213 -8.73 -58.11 43.69
C GLY C 213 -7.74 -56.97 43.75
N LYS C 214 -6.46 -57.29 43.91
CA LYS C 214 -5.40 -56.28 43.98
C LYS C 214 -5.69 -55.00 43.22
N LYS C 215 -5.33 -53.87 43.81
CA LYS C 215 -5.55 -52.57 43.21
C LYS C 215 -4.74 -52.41 41.92
N ASN C 216 -5.39 -51.87 40.89
CA ASN C 216 -4.77 -51.63 39.59
C ASN C 216 -3.97 -52.82 39.11
N SER C 217 -4.49 -54.02 39.29
CA SER C 217 -3.77 -55.20 38.86
C SER C 217 -4.20 -55.67 37.48
N PHE C 218 -3.35 -56.49 36.89
CA PHE C 218 -3.63 -57.05 35.58
C PHE C 218 -2.77 -58.30 35.39
N LYS C 219 -3.14 -59.11 34.42
CA LYS C 219 -2.41 -60.32 34.09
C LYS C 219 -2.43 -60.36 32.57
N ALA C 220 -1.26 -60.52 31.97
CA ALA C 220 -1.18 -60.55 30.53
C ALA C 220 -0.49 -61.80 30.00
N ARG C 221 -1.03 -62.34 28.90
CA ARG C 221 -0.47 -63.54 28.29
C ARG C 221 -0.26 -63.30 26.80
N ILE C 222 0.86 -63.79 26.29
CA ILE C 222 1.16 -63.65 24.87
C ILE C 222 1.09 -65.04 24.25
N TYR C 223 0.25 -65.19 23.23
CA TYR C 223 0.08 -66.46 22.55
C TYR C 223 0.63 -66.45 21.14
N LYS C 224 0.89 -67.64 20.60
CA LYS C 224 1.43 -67.79 19.25
C LYS C 224 0.44 -67.27 18.21
N ASP C 225 -0.84 -67.43 18.51
CA ASP C 225 -1.89 -66.95 17.62
C ASP C 225 -3.22 -66.94 18.36
N SER C 226 -4.24 -66.38 17.72
CA SER C 226 -5.57 -66.28 18.31
C SER C 226 -6.13 -67.61 18.83
N LYS C 227 -5.89 -68.70 18.10
CA LYS C 227 -6.39 -70.01 18.50
C LYS C 227 -5.93 -70.43 19.91
N ASP C 228 -4.63 -70.35 20.15
CA ASP C 228 -4.05 -70.72 21.44
C ASP C 228 -4.61 -69.95 22.64
N SER C 229 -4.97 -68.69 22.42
CA SER C 229 -5.48 -67.83 23.49
C SER C 229 -6.66 -68.45 24.24
N LYS C 230 -7.18 -69.55 23.71
CA LYS C 230 -8.30 -70.24 24.34
C LYS C 230 -7.82 -70.98 25.60
N ASP C 231 -6.58 -71.46 25.55
CA ASP C 231 -6.01 -72.18 26.68
C ASP C 231 -4.82 -71.43 27.27
N LYS C 232 -5.03 -70.88 28.46
CA LYS C 232 -4.00 -70.10 29.15
C LYS C 232 -2.66 -70.80 29.30
N GLU C 233 -2.65 -72.13 29.38
CA GLU C 233 -1.39 -72.85 29.55
C GLU C 233 -0.50 -72.75 28.32
N LYS C 234 -1.06 -72.33 27.19
CA LYS C 234 -0.28 -72.21 25.97
C LYS C 234 0.46 -70.88 25.92
N ALA C 235 0.37 -70.11 27.00
CA ALA C 235 1.02 -68.82 27.08
C ALA C 235 2.54 -68.88 27.00
N LEU C 236 3.11 -68.16 26.03
CA LEU C 236 4.56 -68.10 25.84
C LEU C 236 5.16 -67.26 26.96
N TYR C 237 4.45 -66.22 27.37
CA TYR C 237 4.88 -65.34 28.45
C TYR C 237 3.67 -64.96 29.27
N THR C 238 3.89 -64.70 30.55
CA THR C 238 2.80 -64.30 31.44
C THR C 238 3.30 -63.15 32.30
N ILE C 239 2.61 -62.02 32.20
CA ILE C 239 2.97 -60.82 32.97
C ILE C 239 1.88 -60.57 33.99
N SER C 240 2.27 -60.15 35.19
CA SER C 240 1.30 -59.88 36.23
C SER C 240 1.81 -58.82 37.20
N GLY C 241 0.89 -58.05 37.75
CA GLY C 241 1.27 -57.00 38.68
C GLY C 241 0.36 -55.80 38.64
N GLN C 242 0.93 -54.63 38.87
CA GLN C 242 0.17 -53.40 38.87
C GLN C 242 0.58 -52.51 37.70
N TRP C 243 -0.39 -52.05 36.92
CA TRP C 243 -0.11 -51.18 35.78
C TRP C 243 0.20 -49.76 36.26
N SER C 244 -0.02 -49.49 37.53
CA SER C 244 0.29 -48.18 38.07
C SER C 244 1.54 -48.34 38.95
N GLY C 245 2.09 -49.56 38.95
CA GLY C 245 3.27 -49.84 39.73
C GLY C 245 4.23 -50.80 39.03
N SER C 246 4.52 -51.93 39.67
CA SER C 246 5.45 -52.90 39.08
C SER C 246 4.75 -54.16 38.60
N SER C 247 5.33 -54.77 37.58
CA SER C 247 4.79 -56.02 37.05
C SER C 247 5.97 -56.93 36.71
N LYS C 248 5.79 -58.22 36.90
CA LYS C 248 6.85 -59.18 36.62
C LYS C 248 6.43 -60.10 35.46
N ILE C 249 7.40 -60.71 34.82
CA ILE C 249 7.11 -61.59 33.69
C ILE C 249 7.73 -62.98 33.84
N ILE C 250 7.02 -63.99 33.35
CA ILE C 250 7.44 -65.37 33.42
C ILE C 250 7.34 -66.05 32.05
N LYS C 251 8.44 -66.66 31.61
CA LYS C 251 8.45 -67.36 30.32
C LYS C 251 7.93 -68.77 30.52
N ALA C 252 7.22 -69.29 29.51
CA ALA C 252 6.66 -70.63 29.57
C ALA C 252 6.03 -70.86 30.95
N ASN C 253 6.36 -71.98 31.59
CA ASN C 253 5.82 -72.31 32.91
C ASN C 253 6.82 -72.09 34.05
N LYS C 254 8.06 -71.78 33.69
CA LYS C 254 9.12 -71.55 34.67
C LYS C 254 8.80 -70.41 35.62
N LYS C 255 7.82 -70.64 36.50
CA LYS C 255 7.38 -69.65 37.48
C LYS C 255 8.48 -69.29 38.47
N GLU C 256 9.48 -70.17 38.57
CA GLU C 256 10.59 -69.97 39.49
C GLU C 256 11.50 -68.81 39.12
N GLU C 257 11.26 -68.20 37.95
CA GLU C 257 12.11 -67.09 37.53
C GLU C 257 11.36 -65.87 37.00
N SER C 258 10.76 -65.11 37.92
CA SER C 258 10.04 -63.90 37.56
C SER C 258 11.05 -62.76 37.44
N ARG C 259 10.91 -61.98 36.38
CA ARG C 259 11.81 -60.85 36.14
C ARG C 259 11.00 -59.55 36.12
N LEU C 260 11.63 -58.45 36.50
CA LEU C 260 10.93 -57.17 36.49
C LEU C 260 10.62 -56.80 35.06
N PHE C 261 9.33 -56.67 34.76
CA PHE C 261 8.92 -56.31 33.41
C PHE C 261 8.88 -54.79 33.28
N TYR C 262 8.03 -54.16 34.09
CA TYR C 262 7.91 -52.72 34.05
C TYR C 262 7.60 -52.10 35.40
N ASP C 263 8.25 -50.97 35.69
CA ASP C 263 7.99 -50.26 36.93
C ASP C 263 7.49 -48.87 36.52
N ALA C 264 6.19 -48.65 36.70
CA ALA C 264 5.57 -47.39 36.33
C ALA C 264 5.97 -46.19 37.18
N ALA C 265 6.84 -46.38 38.16
CA ALA C 265 7.24 -45.26 39.01
C ALA C 265 8.67 -44.78 38.76
N ARG C 266 9.47 -45.57 38.06
CA ARG C 266 10.85 -45.18 37.78
C ARG C 266 10.97 -43.91 36.95
N ILE C 267 10.65 -44.01 35.66
CA ILE C 267 10.76 -42.88 34.75
C ILE C 267 9.50 -42.02 34.65
N PRO C 268 9.65 -40.70 34.84
CA PRO C 268 8.47 -39.83 34.75
C PRO C 268 8.08 -39.60 33.28
N ALA C 269 6.84 -39.19 33.07
CA ALA C 269 6.33 -38.93 31.74
C ALA C 269 6.89 -37.65 31.14
N GLU C 270 7.10 -37.67 29.82
CA GLU C 270 7.57 -36.50 29.11
C GLU C 270 6.32 -35.92 28.46
N HIS C 271 5.99 -34.68 28.82
CA HIS C 271 4.81 -34.04 28.25
C HIS C 271 5.17 -33.52 26.87
N LEU C 272 4.23 -33.57 25.93
CA LEU C 272 4.54 -33.10 24.59
C LEU C 272 4.61 -31.60 24.61
N ASN C 273 5.39 -31.04 23.69
CA ASN C 273 5.56 -29.62 23.60
C ASN C 273 4.38 -28.98 22.84
N VAL C 274 3.71 -28.04 23.48
CA VAL C 274 2.57 -27.35 22.87
C VAL C 274 2.94 -25.89 22.72
N LYS C 275 2.64 -25.31 21.57
CA LYS C 275 2.97 -23.91 21.36
C LYS C 275 2.28 -23.03 22.40
N PRO C 276 2.80 -21.81 22.61
CA PRO C 276 2.16 -20.94 23.61
C PRO C 276 0.72 -20.56 23.26
N LEU C 277 -0.10 -20.44 24.30
CA LEU C 277 -1.51 -20.08 24.15
C LEU C 277 -1.77 -18.91 23.21
N GLU C 278 -0.99 -17.85 23.37
CA GLU C 278 -1.17 -16.63 22.57
C GLU C 278 -1.16 -16.85 21.07
N GLU C 279 -0.35 -17.78 20.59
CA GLU C 279 -0.29 -18.00 19.15
C GLU C 279 -1.06 -19.21 18.65
N GLN C 280 -1.94 -19.75 19.48
CA GLN C 280 -2.73 -20.89 19.09
C GLN C 280 -3.92 -20.44 18.25
N HIS C 281 -4.38 -21.34 17.39
CA HIS C 281 -5.54 -21.06 16.56
C HIS C 281 -6.76 -21.19 17.50
N PRO C 282 -7.82 -20.40 17.27
CA PRO C 282 -9.00 -20.48 18.15
C PRO C 282 -9.75 -21.83 18.19
N LEU C 283 -9.37 -22.77 17.34
CA LEU C 283 -9.98 -24.09 17.33
C LEU C 283 -9.17 -24.98 18.29
N GLU C 284 -7.95 -24.54 18.59
CA GLU C 284 -7.08 -25.30 19.48
C GLU C 284 -7.59 -25.29 20.91
N SER C 285 -7.60 -26.49 21.48
CA SER C 285 -8.11 -26.74 22.81
C SER C 285 -7.81 -25.77 23.95
N ARG C 286 -6.54 -25.59 24.28
CA ARG C 286 -6.21 -24.72 25.39
C ARG C 286 -6.63 -23.27 25.23
N LYS C 287 -6.61 -22.78 23.99
CA LYS C 287 -7.04 -21.41 23.77
C LYS C 287 -8.55 -21.30 23.82
N ALA C 288 -9.24 -22.20 23.14
CA ALA C 288 -10.69 -22.17 23.08
C ALA C 288 -11.37 -22.28 24.44
N TRP C 289 -10.81 -23.09 25.34
CA TRP C 289 -11.39 -23.29 26.67
C TRP C 289 -10.83 -22.38 27.75
N TYR C 290 -9.84 -21.57 27.38
CA TYR C 290 -9.18 -20.70 28.34
C TYR C 290 -10.08 -19.95 29.31
N ASP C 291 -11.11 -19.26 28.83
CA ASP C 291 -11.99 -18.52 29.73
C ASP C 291 -12.82 -19.44 30.63
N VAL C 292 -13.38 -20.50 30.06
CA VAL C 292 -14.17 -21.46 30.81
C VAL C 292 -13.31 -22.10 31.90
N ALA C 293 -12.05 -22.40 31.56
CA ALA C 293 -11.14 -23.02 32.53
C ALA C 293 -10.90 -22.03 33.65
N GLY C 294 -10.79 -20.75 33.30
CA GLY C 294 -10.57 -19.73 34.31
C GLY C 294 -11.73 -19.65 35.30
N ALA C 295 -12.96 -19.69 34.75
CA ALA C 295 -14.16 -19.63 35.58
C ALA C 295 -14.25 -20.86 36.50
N ILE C 296 -13.86 -22.03 35.99
CA ILE C 296 -13.89 -23.24 36.80
C ILE C 296 -12.90 -23.15 37.96
N LYS C 297 -11.75 -22.52 37.73
CA LYS C 297 -10.75 -22.39 38.79
C LYS C 297 -11.19 -21.34 39.82
N LEU C 298 -12.13 -20.50 39.42
CA LEU C 298 -12.64 -19.46 40.30
C LEU C 298 -13.81 -20.01 41.15
N GLY C 299 -14.38 -21.14 40.73
CA GLY C 299 -15.49 -21.74 41.44
C GLY C 299 -16.75 -20.88 41.33
N ASP C 300 -16.76 -20.00 40.34
CA ASP C 300 -17.85 -19.06 40.09
C ASP C 300 -18.77 -19.64 39.02
N PHE C 301 -19.79 -20.37 39.44
CA PHE C 301 -20.68 -21.01 38.48
C PHE C 301 -21.43 -20.12 37.50
N ASN C 302 -21.63 -18.88 37.91
CA ASN C 302 -22.30 -17.92 37.05
C ASN C 302 -21.37 -17.57 35.89
N LEU C 303 -20.07 -17.45 36.21
CA LEU C 303 -19.05 -17.13 35.22
C LEU C 303 -18.85 -18.32 34.27
N ILE C 304 -18.95 -19.53 34.81
CA ILE C 304 -18.81 -20.72 34.00
C ILE C 304 -19.93 -20.74 32.97
N ALA C 305 -21.13 -20.35 33.38
CA ALA C 305 -22.27 -20.31 32.47
C ALA C 305 -22.00 -19.29 31.37
N LYS C 306 -21.55 -18.10 31.76
CA LYS C 306 -21.27 -17.06 30.80
C LYS C 306 -20.21 -17.49 29.78
N THR C 307 -19.04 -17.89 30.27
CA THR C 307 -17.95 -18.29 29.40
C THR C 307 -18.29 -19.46 28.48
N LYS C 308 -19.09 -20.40 28.99
CA LYS C 308 -19.50 -21.55 28.22
C LYS C 308 -20.42 -21.11 27.09
N THR C 309 -21.19 -20.04 27.33
CA THR C 309 -22.09 -19.52 26.30
C THR C 309 -21.25 -18.75 25.27
N GLU C 310 -20.20 -18.09 25.74
CA GLU C 310 -19.31 -17.37 24.84
C GLU C 310 -18.61 -18.36 23.90
N LEU C 311 -18.15 -19.49 24.44
CA LEU C 311 -17.48 -20.48 23.62
C LEU C 311 -18.39 -20.97 22.51
N GLU C 312 -19.65 -21.26 22.85
CA GLU C 312 -20.61 -21.72 21.86
C GLU C 312 -20.77 -20.67 20.75
N GLU C 313 -20.91 -19.41 21.14
CA GLU C 313 -21.05 -18.33 20.17
C GLU C 313 -19.79 -18.20 19.32
N THR C 314 -18.63 -18.21 19.98
CA THR C 314 -17.36 -18.09 19.29
C THR C 314 -17.19 -19.19 18.25
N GLN C 315 -17.41 -20.44 18.68
CA GLN C 315 -17.23 -21.56 17.76
C GLN C 315 -18.23 -21.53 16.62
N ARG C 316 -19.46 -21.07 16.88
CA ARG C 316 -20.47 -20.99 15.83
C ARG C 316 -19.95 -20.09 14.72
N GLU C 317 -19.34 -18.97 15.11
CA GLU C 317 -18.77 -18.02 14.16
C GLU C 317 -17.59 -18.66 13.43
N LEU C 318 -16.63 -19.18 14.20
CA LEU C 318 -15.46 -19.82 13.63
C LEU C 318 -15.84 -20.84 12.57
N ARG C 319 -16.87 -21.63 12.85
CA ARG C 319 -17.30 -22.66 11.91
C ARG C 319 -17.72 -22.05 10.58
N LYS C 320 -18.37 -20.90 10.62
CA LYS C 320 -18.80 -20.23 9.40
C LYS C 320 -17.58 -19.68 8.65
N GLU C 321 -16.59 -19.18 9.38
CA GLU C 321 -15.39 -18.67 8.74
C GLU C 321 -14.63 -19.80 8.06
N GLU C 322 -14.50 -20.93 8.74
CA GLU C 322 -13.80 -22.10 8.19
C GLU C 322 -14.45 -22.57 6.89
N GLU C 323 -15.77 -22.65 6.90
CA GLU C 323 -16.51 -23.09 5.72
C GLU C 323 -16.33 -22.14 4.54
N ALA C 324 -16.26 -20.84 4.82
CA ALA C 324 -16.08 -19.86 3.77
C ALA C 324 -14.74 -20.14 3.07
N LYS C 325 -13.74 -20.53 3.84
CA LYS C 325 -12.41 -20.83 3.29
C LYS C 325 -12.30 -22.21 2.65
N GLY C 326 -13.42 -22.92 2.56
CA GLY C 326 -13.40 -24.24 1.95
C GLY C 326 -12.80 -25.33 2.81
N ILE C 327 -12.65 -25.06 4.11
CA ILE C 327 -12.08 -26.02 5.03
C ILE C 327 -13.16 -26.86 5.71
N SER C 328 -13.08 -28.18 5.56
CA SER C 328 -14.06 -29.03 6.22
C SER C 328 -13.59 -29.29 7.64
N TRP C 329 -13.87 -28.33 8.51
CA TRP C 329 -13.50 -28.37 9.92
C TRP C 329 -14.10 -29.56 10.69
N GLN C 330 -15.17 -30.13 10.18
CA GLN C 330 -15.82 -31.28 10.85
C GLN C 330 -14.97 -32.55 10.73
N ARG C 331 -14.42 -32.77 9.55
CA ARG C 331 -13.59 -33.94 9.27
C ARG C 331 -12.28 -33.42 8.70
N ARG C 332 -11.55 -32.66 9.50
CA ARG C 332 -10.31 -32.04 9.05
C ARG C 332 -9.16 -32.98 8.73
N TRP C 333 -8.82 -33.87 9.66
CA TRP C 333 -7.71 -34.77 9.41
C TRP C 333 -8.16 -36.21 9.48
N PHE C 334 -9.44 -36.42 9.79
CA PHE C 334 -9.98 -37.76 9.90
C PHE C 334 -11.31 -37.88 9.19
N LYS C 335 -11.53 -39.04 8.57
CA LYS C 335 -12.78 -39.29 7.85
C LYS C 335 -13.41 -40.54 8.45
N ASP C 336 -14.74 -40.55 8.51
CA ASP C 336 -15.47 -41.70 9.06
C ASP C 336 -15.79 -42.75 7.99
N PHE C 337 -15.19 -43.92 8.15
CA PHE C 337 -15.40 -45.03 7.23
C PHE C 337 -16.52 -45.95 7.70
N ASP C 338 -17.41 -46.32 6.78
CA ASP C 338 -18.51 -47.20 7.12
C ASP C 338 -18.13 -48.65 6.84
N TYR C 339 -18.17 -49.49 7.88
CA TYR C 339 -17.83 -50.90 7.72
C TYR C 339 -19.07 -51.79 7.76
N SER C 340 -20.26 -51.18 7.81
CA SER C 340 -21.48 -51.97 7.85
C SER C 340 -21.61 -52.77 6.55
N VAL C 341 -22.48 -53.77 6.56
CA VAL C 341 -22.68 -54.60 5.39
C VAL C 341 -23.35 -53.83 4.25
N THR C 342 -24.04 -52.75 4.58
CA THR C 342 -24.73 -51.95 3.57
C THR C 342 -24.67 -50.44 3.80
N PRO C 343 -23.55 -49.80 3.45
CA PRO C 343 -23.39 -48.35 3.63
C PRO C 343 -24.19 -47.49 2.66
N GLU C 344 -24.36 -46.22 3.01
CA GLU C 344 -25.09 -45.28 2.16
C GLU C 344 -24.22 -44.92 0.97
N GLU C 345 -24.85 -44.45 -0.10
CA GLU C 345 -24.09 -44.06 -1.29
C GLU C 345 -23.31 -42.80 -0.96
N GLY C 346 -22.04 -42.76 -1.39
CA GLY C 346 -21.21 -41.62 -1.10
C GLY C 346 -20.28 -41.88 0.08
N ALA C 347 -20.64 -42.85 0.91
CA ALA C 347 -19.84 -43.20 2.08
C ALA C 347 -18.49 -43.83 1.76
N LEU C 348 -17.48 -43.46 2.55
CA LEU C 348 -16.14 -44.02 2.41
C LEU C 348 -16.27 -45.44 2.96
N VAL C 349 -15.68 -46.40 2.28
CA VAL C 349 -15.76 -47.78 2.73
C VAL C 349 -14.36 -48.40 2.78
N PRO C 350 -14.16 -49.38 3.64
CA PRO C 350 -12.84 -50.01 3.74
C PRO C 350 -12.40 -50.70 2.47
N GLU C 351 -11.09 -50.83 2.31
CA GLU C 351 -10.52 -51.48 1.15
C GLU C 351 -10.55 -52.99 1.36
N LYS C 352 -10.14 -53.73 0.35
CA LYS C 352 -10.12 -55.19 0.42
C LYS C 352 -9.02 -55.62 1.39
N ASP C 353 -7.90 -54.91 1.36
CA ASP C 353 -6.76 -55.21 2.22
C ASP C 353 -6.74 -54.37 3.50
N ASP C 354 -7.91 -53.96 3.97
CA ASP C 354 -8.00 -53.17 5.18
C ASP C 354 -7.36 -53.89 6.37
N THR C 355 -6.41 -53.21 7.00
CA THR C 355 -5.71 -53.74 8.15
C THR C 355 -6.62 -54.08 9.34
N PHE C 356 -7.55 -53.19 9.66
CA PHE C 356 -8.48 -53.42 10.76
C PHE C 356 -9.32 -54.67 10.55
N LEU C 357 -9.85 -54.87 9.34
CA LEU C 357 -10.66 -56.06 9.06
C LEU C 357 -9.83 -57.32 9.24
N LYS C 358 -8.61 -57.30 8.71
CA LYS C 358 -7.72 -58.45 8.83
C LYS C 358 -7.44 -58.78 10.29
N LEU C 359 -6.96 -57.79 11.03
CA LEU C 359 -6.63 -58.00 12.42
C LEU C 359 -7.84 -58.31 13.29
N ALA C 360 -8.98 -57.68 12.99
CA ALA C 360 -10.18 -57.93 13.77
C ALA C 360 -10.59 -59.37 13.49
N SER C 361 -10.42 -59.78 12.24
CA SER C 361 -10.76 -61.13 11.83
C SER C 361 -9.89 -62.14 12.60
N ALA C 362 -8.58 -61.94 12.60
CA ALA C 362 -7.67 -62.85 13.31
C ALA C 362 -8.04 -62.98 14.78
N LEU C 363 -8.41 -61.85 15.39
CA LEU C 363 -8.77 -61.82 16.80
C LEU C 363 -10.25 -62.16 16.99
N ASN C 364 -10.99 -62.24 15.89
CA ASN C 364 -12.42 -62.52 15.93
C ASN C 364 -13.09 -61.44 16.76
N LEU C 365 -12.67 -60.20 16.52
CA LEU C 365 -13.21 -59.05 17.22
C LEU C 365 -14.33 -58.43 16.39
N SER C 366 -15.39 -58.02 17.07
CA SER C 366 -16.51 -57.39 16.38
C SER C 366 -16.07 -56.10 15.68
N THR C 367 -16.60 -55.86 14.49
CA THR C 367 -16.28 -54.65 13.74
C THR C 367 -17.40 -53.62 13.87
N LYS C 368 -18.29 -53.83 14.83
CA LYS C 368 -19.40 -52.91 15.07
C LYS C 368 -19.01 -51.90 16.16
N ASN C 369 -19.84 -50.88 16.33
CA ASN C 369 -19.56 -49.86 17.33
C ASN C 369 -20.01 -50.33 18.70
N ALA C 370 -19.53 -51.51 19.09
CA ALA C 370 -19.81 -52.08 20.41
C ALA C 370 -18.66 -51.68 21.33
N PRO C 371 -18.80 -51.90 22.64
CA PRO C 371 -17.70 -51.53 23.55
C PRO C 371 -16.38 -52.14 23.10
N SER C 372 -15.28 -51.45 23.35
CA SER C 372 -13.95 -51.94 22.97
C SER C 372 -13.75 -53.38 23.43
N GLY C 373 -13.13 -54.20 22.57
CA GLY C 373 -12.88 -55.58 22.94
C GLY C 373 -14.04 -56.53 22.75
N THR C 374 -15.20 -56.02 22.37
CA THR C 374 -16.34 -56.91 22.16
C THR C 374 -15.98 -57.92 21.07
N LEU C 375 -16.22 -59.19 21.37
CA LEU C 375 -15.92 -60.25 20.43
C LEU C 375 -17.13 -60.62 19.59
N VAL C 376 -16.89 -61.20 18.42
CA VAL C 376 -17.99 -61.61 17.57
C VAL C 376 -18.85 -62.63 18.33
N GLY C 377 -20.15 -62.40 18.36
CA GLY C 377 -21.04 -63.30 19.05
C GLY C 377 -21.43 -62.81 20.44
N ASP C 378 -20.61 -61.94 21.03
CA ASP C 378 -20.91 -61.41 22.36
C ASP C 378 -22.29 -60.75 22.32
N LYS C 379 -22.94 -60.65 23.48
CA LYS C 379 -24.24 -60.02 23.56
C LYS C 379 -24.21 -58.67 22.86
N GLU C 380 -23.22 -57.86 23.22
CA GLU C 380 -23.04 -56.53 22.66
C GLU C 380 -22.93 -56.52 21.15
N ASP C 381 -22.44 -57.62 20.57
CA ASP C 381 -22.27 -57.73 19.13
C ASP C 381 -23.51 -58.16 18.41
N ARG C 382 -24.41 -58.86 19.10
CA ARG C 382 -25.64 -59.33 18.48
C ARG C 382 -26.73 -58.26 18.42
N LYS C 383 -26.41 -57.05 18.85
CA LYS C 383 -27.38 -55.96 18.83
C LYS C 383 -27.85 -55.74 17.39
N GLU C 384 -29.16 -55.52 17.26
CA GLU C 384 -29.82 -55.33 15.97
C GLU C 384 -29.32 -54.22 15.05
N ASP C 385 -29.71 -52.97 15.34
CA ASP C 385 -29.28 -51.85 14.52
C ASP C 385 -28.10 -51.09 15.12
N LEU C 386 -26.96 -51.75 15.15
CA LEU C 386 -25.75 -51.15 15.68
C LEU C 386 -24.88 -50.81 14.47
N SER C 387 -24.36 -49.60 14.44
CA SER C 387 -23.53 -49.17 13.32
C SER C 387 -22.08 -49.69 13.35
N SER C 388 -21.34 -49.35 12.32
CA SER C 388 -19.95 -49.75 12.20
C SER C 388 -19.11 -48.63 11.61
N ILE C 389 -19.23 -47.43 12.18
CA ILE C 389 -18.47 -46.28 11.72
C ILE C 389 -17.13 -46.23 12.47
N HIS C 390 -16.03 -46.16 11.71
CA HIS C 390 -14.70 -46.08 12.30
C HIS C 390 -13.93 -44.92 11.69
N TRP C 391 -13.30 -44.13 12.54
CA TRP C 391 -12.53 -42.97 12.07
C TRP C 391 -11.09 -43.32 11.70
N ARG C 392 -10.64 -42.75 10.58
CA ARG C 392 -9.31 -43.01 10.07
C ARG C 392 -8.58 -41.73 9.74
N PHE C 393 -7.28 -41.73 10.04
CA PHE C 393 -6.42 -40.59 9.78
C PHE C 393 -6.03 -40.56 8.30
N GLN C 394 -6.01 -39.35 7.73
CA GLN C 394 -5.63 -39.15 6.33
C GLN C 394 -4.38 -38.27 6.39
N ARG C 395 -3.21 -38.89 6.39
CA ARG C 395 -1.97 -38.12 6.49
C ARG C 395 -1.89 -36.96 5.50
N GLU C 396 -2.46 -37.13 4.32
CA GLU C 396 -2.43 -36.09 3.31
C GLU C 396 -3.17 -34.83 3.77
N LEU C 397 -4.23 -35.00 4.54
CA LEU C 397 -4.98 -33.85 5.02
C LEU C 397 -4.13 -33.00 5.97
N TRP C 398 -3.24 -33.65 6.71
CA TRP C 398 -2.37 -32.90 7.60
C TRP C 398 -1.32 -32.16 6.76
N ASP C 399 -0.77 -32.84 5.75
CA ASP C 399 0.24 -32.22 4.88
C ASP C 399 -0.30 -31.00 4.14
N GLU C 400 -1.60 -30.98 3.85
CA GLU C 400 -2.19 -29.86 3.14
C GLU C 400 -2.77 -28.81 4.09
N GLU C 401 -2.72 -29.07 5.39
CA GLU C 401 -3.25 -28.13 6.39
C GLU C 401 -2.71 -26.73 6.16
N LYS C 402 -3.61 -25.76 6.03
CA LYS C 402 -3.18 -24.40 5.80
C LYS C 402 -3.25 -23.42 6.96
N GLU C 403 -3.93 -23.78 8.03
CA GLU C 403 -4.01 -22.87 9.17
C GLU C 403 -3.26 -23.31 10.42
N ILE C 404 -3.35 -24.59 10.75
CA ILE C 404 -2.73 -25.10 11.97
C ILE C 404 -1.26 -25.50 11.81
N VAL C 405 -0.44 -25.16 12.80
CA VAL C 405 0.96 -25.54 12.76
C VAL C 405 1.27 -26.09 14.15
N LEU C 406 2.36 -26.84 14.27
CA LEU C 406 2.74 -27.40 15.57
C LEU C 406 3.50 -26.36 16.38
S SO4 D . -11.62 34.11 -28.45
O1 SO4 D . -12.62 34.68 -29.38
O2 SO4 D . -11.85 34.68 -27.11
O3 SO4 D . -11.77 32.65 -28.41
O4 SO4 D . -10.26 34.47 -28.91
S SO4 E . 25.27 38.40 -3.98
O1 SO4 E . 24.23 37.37 -4.05
O2 SO4 E . 26.56 37.82 -4.42
O3 SO4 E . 24.93 39.53 -4.85
O4 SO4 E . 25.41 38.88 -2.58
S SO4 F . -11.15 24.42 -18.56
O1 SO4 F . -11.28 25.46 -19.60
O2 SO4 F . -12.03 24.75 -17.42
O3 SO4 F . -11.55 23.11 -19.14
O4 SO4 F . -9.75 24.34 -18.10
S SO4 G . 11.48 13.15 -30.58
O1 SO4 G . 10.10 13.40 -30.12
O2 SO4 G . 12.11 12.13 -29.72
O3 SO4 G . 11.45 12.68 -31.98
O4 SO4 G . 12.26 14.41 -30.50
S SO4 H . -21.45 -30.42 28.09
O1 SO4 H . -22.30 -30.28 26.89
O2 SO4 H . -21.95 -29.54 29.16
O3 SO4 H . -21.47 -31.82 28.54
O4 SO4 H . -20.07 -30.02 27.73
S SO4 I . -5.55 -66.18 36.17
O1 SO4 I . -5.41 -65.72 34.79
O2 SO4 I . -6.94 -66.64 36.39
O3 SO4 I . -4.61 -67.30 36.42
O4 SO4 I . -5.26 -65.08 37.10
#